data_3TA9
#
_entry.id   3TA9
#
_cell.length_a   88.504
_cell.length_b   99.577
_cell.length_c   109.427
_cell.angle_alpha   90.00
_cell.angle_beta   90.00
_cell.angle_gamma   90.00
#
_symmetry.space_group_name_H-M   'P 21 21 21'
#
loop_
_entity.id
_entity.type
_entity.pdbx_description
1 polymer 'Glycoside hydrolase family 1'
2 non-polymer 'NICKEL (II) ION'
3 water water
#
_entity_poly.entity_id   1
_entity_poly.type   'polypeptide(L)'
_entity_poly.pdbx_seq_one_letter_code
;MHHHHHHMAKIIFPEDFIWGAATSSYQIEGAFNEDGKGESIWDRFSHTPGKIENGDTGDIACDHYHLYREDIELMKEIGI
RSYRFSTSWPRILPEGKGRVNQKGLDFYKRLVDNLLKANIRPMITLYHWDLPQALQDKGGWTNRDTAKYFAEYARLMFEE
FNGLVDLWVTHNEPWVVAFEGHAFGNHAPGTKDFKTALQVAHHLLLSHGMAVDIFREEDLPGEIGITLNLTPAYPAGDSE
KDVKAASLLDDYINAWFLSPVFKGSYPEELHHIYEQNLGAFTTQPGDMDIISRDIDFLGINYYSRMVVRHKPGDNLFNAE
VVKMEDRPSTEMGWEIYPQGLYDILVRVNKEYTDKPLYITENGAAFDDKLTEEGKIHDEKRINYLGDHFKQAYKALKDGV
PLRGYYVWSLMDNFEWAYGYSKRFGLIYVDYENGNRRFLKDSALWYREVIEKGQVEAN
;
_entity_poly.pdbx_strand_id   A,B
#
# COMPACT_ATOMS: atom_id res chain seq x y z
N ALA A 9 -38.35 -34.96 -21.00
CA ALA A 9 -38.13 -34.00 -22.08
C ALA A 9 -36.72 -34.09 -22.71
N LYS A 10 -36.12 -32.93 -22.97
CA LYS A 10 -34.73 -32.88 -23.42
C LYS A 10 -33.99 -31.83 -22.61
N ILE A 11 -32.71 -31.61 -22.93
CA ILE A 11 -31.80 -30.89 -22.03
C ILE A 11 -31.75 -31.65 -20.70
N ILE A 12 -31.26 -32.88 -20.76
CA ILE A 12 -31.06 -33.67 -19.55
C ILE A 12 -29.55 -33.88 -19.40
N PHE A 13 -29.01 -33.55 -18.23
CA PHE A 13 -27.56 -33.60 -18.00
C PHE A 13 -27.11 -35.00 -17.63
N PRO A 14 -25.78 -35.24 -17.67
CA PRO A 14 -25.24 -36.48 -17.13
C PRO A 14 -25.85 -36.73 -15.75
N GLU A 15 -26.05 -37.99 -15.38
CA GLU A 15 -26.73 -38.25 -14.12
C GLU A 15 -25.84 -37.91 -12.92
N ASP A 16 -24.53 -38.00 -13.10
CA ASP A 16 -23.62 -37.62 -12.02
C ASP A 16 -22.91 -36.29 -12.31
N PHE A 17 -23.60 -35.40 -13.00
CA PHE A 17 -23.13 -34.03 -13.11
C PHE A 17 -23.11 -33.47 -11.69
N ILE A 18 -22.06 -32.76 -11.36
CA ILE A 18 -21.94 -32.18 -10.03
C ILE A 18 -22.63 -30.83 -9.99
N TRP A 19 -23.88 -30.81 -9.53
CA TRP A 19 -24.58 -29.57 -9.26
C TRP A 19 -24.20 -29.11 -7.87
N GLY A 20 -23.88 -27.82 -7.73
CA GLY A 20 -23.48 -27.29 -6.44
C GLY A 20 -23.77 -25.81 -6.29
N ALA A 21 -23.42 -25.28 -5.13
CA ALA A 21 -23.46 -23.86 -4.83
C ALA A 21 -22.17 -23.45 -4.13
N ALA A 22 -21.83 -22.16 -4.22
CA ALA A 22 -20.56 -21.65 -3.67
C ALA A 22 -20.72 -20.43 -2.74
N THR A 23 -19.81 -20.35 -1.76
CA THR A 23 -19.66 -19.19 -0.89
C THR A 23 -18.17 -18.87 -0.70
N SER A 24 -17.89 -17.97 0.23
CA SER A 24 -16.52 -17.57 0.56
C SER A 24 -16.44 -17.28 2.05
N SER A 25 -15.38 -17.78 2.68
CA SER A 25 -15.11 -17.56 4.11
C SER A 25 -15.42 -16.14 4.62
N TYR A 26 -14.74 -15.11 4.11
CA TYR A 26 -14.97 -13.78 4.63
C TYR A 26 -16.41 -13.29 4.45
N GLN A 27 -17.03 -13.74 3.36
CA GLN A 27 -18.31 -13.18 2.94
C GLN A 27 -19.46 -13.69 3.78
N ILE A 28 -19.27 -14.83 4.46
CA ILE A 28 -20.36 -15.46 5.21
C ILE A 28 -20.07 -15.78 6.68
N GLU A 29 -18.84 -16.18 7.01
CA GLU A 29 -18.55 -16.72 8.34
C GLU A 29 -18.81 -15.78 9.51
N GLY A 30 -18.30 -14.56 9.42
CA GLY A 30 -18.30 -13.65 10.56
C GLY A 30 -17.27 -14.07 11.61
N ALA A 31 -17.57 -13.84 12.89
CA ALA A 31 -16.68 -14.21 13.98
C ALA A 31 -15.22 -13.78 13.69
N PHE A 32 -15.07 -12.52 13.31
CA PHE A 32 -13.83 -12.03 12.71
C PHE A 32 -12.64 -11.98 13.67
N ASN A 33 -12.91 -11.93 14.97
CA ASN A 33 -11.83 -11.84 15.96
C ASN A 33 -12.06 -12.86 17.05
N GLU A 34 -13.03 -13.74 16.81
CA GLU A 34 -13.46 -14.73 17.79
C GLU A 34 -12.58 -15.99 17.75
N ASP A 35 -12.38 -16.61 18.90
CA ASP A 35 -11.71 -17.90 18.96
C ASP A 35 -10.27 -17.94 18.40
N GLY A 36 -9.52 -16.87 18.61
CA GLY A 36 -8.11 -16.89 18.25
C GLY A 36 -7.81 -16.66 16.78
N LYS A 37 -8.83 -16.32 16.00
CA LYS A 37 -8.65 -16.00 14.60
C LYS A 37 -7.90 -14.68 14.50
N GLY A 38 -6.94 -14.63 13.55
CA GLY A 38 -6.18 -13.42 13.30
C GLY A 38 -6.85 -12.45 12.33
N GLU A 39 -6.36 -11.19 12.38
CA GLU A 39 -6.82 -10.10 11.52
C GLU A 39 -6.40 -10.29 10.07
N SER A 40 -7.37 -10.13 9.16
CA SER A 40 -7.15 -10.22 7.71
C SER A 40 -7.22 -8.84 7.05
N ILE A 41 -6.72 -8.72 5.83
CA ILE A 41 -6.74 -7.42 5.16
C ILE A 41 -8.18 -7.00 4.87
N TRP A 42 -9.09 -7.95 4.86
CA TRP A 42 -10.46 -7.58 4.66
C TRP A 42 -11.09 -7.00 5.91
N ASP A 43 -10.72 -7.54 7.08
CA ASP A 43 -11.04 -6.92 8.37
C ASP A 43 -10.55 -5.48 8.37
N ARG A 44 -9.27 -5.29 8.02
CA ARG A 44 -8.67 -3.97 7.87
C ARG A 44 -9.41 -3.03 6.93
N PHE A 45 -9.49 -3.45 5.66
CA PHE A 45 -10.10 -2.66 4.60
C PHE A 45 -11.51 -2.23 5.02
N SER A 46 -12.28 -3.20 5.50
CA SER A 46 -13.61 -2.98 6.07
C SER A 46 -13.69 -1.88 7.12
N HIS A 47 -12.80 -1.94 8.11
CA HIS A 47 -12.75 -0.93 9.15
C HIS A 47 -12.01 0.34 8.70
N THR A 48 -11.81 0.50 7.40
CA THR A 48 -11.26 1.75 6.91
C THR A 48 -12.37 2.58 6.29
N PRO A 49 -12.57 3.80 6.81
CA PRO A 49 -13.64 4.67 6.31
C PRO A 49 -13.48 4.92 4.80
N GLY A 50 -14.62 4.98 4.12
CA GLY A 50 -14.62 5.22 2.70
C GLY A 50 -14.38 4.04 1.78
N LYS A 51 -14.30 2.83 2.32
CA LYS A 51 -13.96 1.66 1.50
C LYS A 51 -15.18 0.84 1.10
N ILE A 52 -16.09 0.65 2.04
CA ILE A 52 -17.25 -0.17 1.76
C ILE A 52 -18.53 0.67 1.73
N GLU A 53 -19.43 0.30 0.81
CA GLU A 53 -20.75 0.91 0.76
C GLU A 53 -21.47 0.82 2.09
N ASN A 54 -22.06 1.94 2.50
CA ASN A 54 -22.84 2.02 3.75
C ASN A 54 -22.04 1.64 4.98
N GLY A 55 -20.73 1.51 4.81
CA GLY A 55 -19.85 1.25 5.93
C GLY A 55 -20.02 -0.15 6.48
N ASP A 56 -20.52 -1.05 5.63
CA ASP A 56 -20.69 -2.45 5.98
C ASP A 56 -19.35 -3.12 6.30
N THR A 57 -19.39 -4.17 7.12
CA THR A 57 -18.20 -5.00 7.31
C THR A 57 -18.57 -6.45 7.34
N GLY A 58 -17.56 -7.29 7.22
CA GLY A 58 -17.75 -8.71 7.35
C GLY A 58 -17.73 -9.12 8.81
N ASP A 59 -17.76 -8.14 9.70
CA ASP A 59 -17.70 -8.43 11.13
C ASP A 59 -18.63 -9.58 11.63
N ILE A 60 -19.87 -9.58 11.15
CA ILE A 60 -20.83 -10.64 11.46
C ILE A 60 -21.31 -11.39 10.23
N ALA A 61 -21.57 -10.67 9.13
CA ALA A 61 -21.98 -11.30 7.88
C ALA A 61 -23.20 -12.17 8.11
N CYS A 62 -23.15 -13.43 7.69
CA CYS A 62 -24.24 -14.35 7.93
C CYS A 62 -24.07 -15.15 9.23
N ASP A 63 -23.12 -14.78 10.08
CA ASP A 63 -22.81 -15.60 11.25
C ASP A 63 -22.70 -17.10 10.91
N HIS A 64 -22.12 -17.43 9.74
CA HIS A 64 -21.99 -18.81 9.33
C HIS A 64 -21.19 -19.62 10.30
N TYR A 65 -20.18 -18.98 10.90
CA TYR A 65 -19.29 -19.65 11.85
C TYR A 65 -20.10 -20.32 12.96
N HIS A 66 -21.27 -19.75 13.23
CA HIS A 66 -22.10 -20.20 14.32
C HIS A 66 -23.30 -21.00 13.84
N LEU A 67 -23.81 -20.67 12.66
CA LEU A 67 -25.02 -21.31 12.12
C LEU A 67 -24.77 -22.40 11.07
N TYR A 68 -23.49 -22.74 10.85
CA TYR A 68 -23.11 -23.71 9.82
C TYR A 68 -23.93 -24.98 9.80
N ARG A 69 -24.43 -25.42 10.95
CA ARG A 69 -25.22 -26.66 11.02
C ARG A 69 -26.59 -26.47 10.35
N GLU A 70 -27.22 -25.36 10.67
CA GLU A 70 -28.44 -24.93 10.00
C GLU A 70 -28.20 -24.86 8.48
N ASP A 71 -27.02 -24.38 8.12
CA ASP A 71 -26.70 -24.16 6.71
C ASP A 71 -26.55 -25.46 5.93
N ILE A 72 -25.99 -26.48 6.57
CA ILE A 72 -25.86 -27.74 5.92
C ILE A 72 -27.25 -28.30 5.68
N GLU A 73 -28.10 -28.18 6.69
CA GLU A 73 -29.46 -28.67 6.59
C GLU A 73 -30.20 -27.98 5.46
N LEU A 74 -29.98 -26.69 5.32
CA LEU A 74 -30.55 -25.91 4.23
C LEU A 74 -30.01 -26.37 2.90
N MET A 75 -28.75 -26.79 2.88
CA MET A 75 -28.15 -27.38 1.68
C MET A 75 -28.83 -28.71 1.31
N LYS A 76 -28.84 -29.62 2.28
CA LYS A 76 -29.63 -30.85 2.23
C LYS A 76 -31.00 -30.61 1.58
N GLU A 77 -31.69 -29.58 2.06
CA GLU A 77 -33.04 -29.24 1.62
C GLU A 77 -33.11 -28.85 0.13
N ILE A 78 -32.07 -28.18 -0.37
CA ILE A 78 -31.99 -27.79 -1.79
C ILE A 78 -31.48 -28.96 -2.61
N GLY A 79 -30.86 -29.92 -1.94
CA GLY A 79 -30.41 -31.12 -2.59
C GLY A 79 -29.12 -31.01 -3.40
N ILE A 80 -28.30 -30.00 -3.13
CA ILE A 80 -27.04 -29.84 -3.85
C ILE A 80 -26.12 -31.00 -3.53
N ARG A 81 -25.25 -31.34 -4.46
CA ARG A 81 -24.41 -32.52 -4.33
C ARG A 81 -22.98 -32.15 -4.03
N SER A 82 -22.68 -30.87 -4.15
CA SER A 82 -21.38 -30.37 -3.75
C SER A 82 -21.50 -28.94 -3.25
N TYR A 83 -20.63 -28.60 -2.31
CA TYR A 83 -20.64 -27.29 -1.71
C TYR A 83 -19.23 -26.70 -1.82
N ARG A 84 -19.12 -25.57 -2.50
CA ARG A 84 -17.83 -24.89 -2.62
C ARG A 84 -17.68 -23.79 -1.59
N PHE A 85 -16.77 -23.95 -0.65
CA PHE A 85 -16.55 -22.94 0.37
C PHE A 85 -15.08 -22.54 0.47
N SER A 86 -14.84 -21.43 1.16
CA SER A 86 -13.49 -20.93 1.32
C SER A 86 -13.00 -21.17 2.74
N THR A 87 -11.70 -21.40 2.86
CA THR A 87 -11.10 -21.73 4.13
C THR A 87 -10.22 -20.53 4.54
N SER A 88 -10.53 -19.91 5.67
CA SER A 88 -9.85 -18.67 6.08
C SER A 88 -8.46 -18.86 6.67
N TRP A 89 -7.45 -18.64 5.83
CA TRP A 89 -6.04 -18.72 6.23
C TRP A 89 -5.73 -18.05 7.59
N PRO A 90 -6.17 -16.79 7.80
CA PRO A 90 -5.86 -16.12 9.09
C PRO A 90 -6.54 -16.78 10.29
N ARG A 91 -7.63 -17.49 10.06
CA ARG A 91 -8.37 -18.14 11.13
C ARG A 91 -7.65 -19.43 11.56
N ILE A 92 -6.78 -19.91 10.69
CA ILE A 92 -6.13 -21.19 10.86
C ILE A 92 -4.68 -20.98 11.25
N LEU A 93 -4.07 -19.99 10.63
CA LEU A 93 -2.71 -19.56 10.96
C LEU A 93 -2.75 -18.05 11.11
N PRO A 94 -3.00 -17.60 12.34
CA PRO A 94 -3.20 -16.18 12.65
C PRO A 94 -2.06 -15.25 12.20
N GLU A 95 -0.84 -15.75 12.12
CA GLU A 95 0.25 -14.90 11.68
C GLU A 95 0.58 -15.16 10.22
N GLY A 96 -0.08 -16.14 9.63
CA GLY A 96 0.18 -16.54 8.25
C GLY A 96 1.17 -17.68 8.29
N LYS A 97 2.02 -17.66 9.31
CA LYS A 97 3.04 -18.65 9.52
C LYS A 97 3.07 -18.95 11.02
N GLY A 98 3.90 -19.91 11.42
CA GLY A 98 4.04 -20.20 12.83
C GLY A 98 2.94 -21.05 13.38
N ARG A 99 2.36 -20.61 14.48
CA ARG A 99 1.49 -21.44 15.32
C ARG A 99 0.09 -21.73 14.74
N VAL A 100 -0.35 -22.98 14.84
CA VAL A 100 -1.68 -23.33 14.34
C VAL A 100 -2.74 -23.06 15.39
N ASN A 101 -3.70 -22.20 15.07
CA ASN A 101 -4.85 -21.97 15.95
C ASN A 101 -5.86 -23.11 15.86
N GLN A 102 -5.81 -24.02 16.82
CA GLN A 102 -6.56 -25.26 16.71
C GLN A 102 -8.08 -25.08 16.56
N LYS A 103 -8.67 -24.20 17.36
CA LYS A 103 -10.12 -23.99 17.35
C LYS A 103 -10.65 -23.62 15.98
N GLY A 104 -9.84 -22.89 15.21
CA GLY A 104 -10.16 -22.57 13.83
C GLY A 104 -10.15 -23.78 12.90
N LEU A 105 -9.19 -24.67 13.06
CA LEU A 105 -9.19 -25.88 12.28
C LEU A 105 -10.41 -26.71 12.62
N ASP A 106 -10.68 -26.86 13.91
CA ASP A 106 -11.82 -27.65 14.37
C ASP A 106 -13.13 -27.22 13.70
N PHE A 107 -13.29 -25.92 13.54
CA PHE A 107 -14.46 -25.42 12.84
C PHE A 107 -14.62 -26.11 11.49
N TYR A 108 -13.63 -25.94 10.61
CA TYR A 108 -13.70 -26.59 9.31
C TYR A 108 -13.79 -28.11 9.38
N LYS A 109 -13.16 -28.72 10.38
CA LYS A 109 -13.31 -30.17 10.58
C LYS A 109 -14.77 -30.52 10.87
N ARG A 110 -15.41 -29.66 11.66
CA ARG A 110 -16.82 -29.81 11.93
C ARG A 110 -17.66 -29.61 10.68
N LEU A 111 -17.35 -28.57 9.92
CA LEU A 111 -18.10 -28.28 8.69
C LEU A 111 -18.03 -29.46 7.74
N VAL A 112 -16.82 -29.82 7.38
CA VAL A 112 -16.58 -30.95 6.50
C VAL A 112 -17.38 -32.16 7.01
N ASP A 113 -17.36 -32.36 8.32
CA ASP A 113 -17.93 -33.58 8.85
C ASP A 113 -19.44 -33.64 8.64
N ASN A 114 -20.10 -32.49 8.76
CA ASN A 114 -21.54 -32.39 8.50
C ASN A 114 -21.78 -32.54 7.02
N LEU A 115 -20.87 -31.96 6.22
CA LEU A 115 -21.00 -32.01 4.78
C LEU A 115 -20.99 -33.46 4.36
N LEU A 116 -19.99 -34.20 4.82
CA LEU A 116 -19.89 -35.62 4.48
C LEU A 116 -21.08 -36.45 4.99
N LYS A 117 -21.48 -36.27 6.26
CA LYS A 117 -22.60 -37.07 6.80
C LYS A 117 -23.92 -36.76 6.12
N ALA A 118 -23.97 -35.67 5.34
CA ALA A 118 -25.17 -35.28 4.62
C ALA A 118 -25.03 -35.64 3.17
N ASN A 119 -23.94 -36.33 2.85
CA ASN A 119 -23.60 -36.66 1.47
C ASN A 119 -23.52 -35.48 0.52
N ILE A 120 -22.88 -34.42 0.97
CA ILE A 120 -22.51 -33.27 0.13
C ILE A 120 -21.00 -33.28 -0.05
N ARG A 121 -20.52 -32.98 -1.24
CA ARG A 121 -19.10 -33.15 -1.51
C ARG A 121 -18.35 -31.85 -1.32
N PRO A 122 -17.39 -31.83 -0.40
CA PRO A 122 -16.67 -30.58 -0.17
C PRO A 122 -15.72 -30.29 -1.33
N MET A 123 -15.76 -29.06 -1.83
CA MET A 123 -14.67 -28.53 -2.62
C MET A 123 -14.12 -27.30 -1.92
N ILE A 124 -12.86 -27.37 -1.48
CA ILE A 124 -12.26 -26.30 -0.70
C ILE A 124 -11.43 -25.30 -1.52
N THR A 125 -11.72 -24.02 -1.36
CA THR A 125 -10.90 -23.01 -2.01
C THR A 125 -9.91 -22.46 -1.01
N LEU A 126 -8.62 -22.66 -1.30
CA LEU A 126 -7.56 -22.36 -0.35
C LEU A 126 -7.35 -20.88 -0.04
N TYR A 127 -7.39 -20.02 -1.05
CA TYR A 127 -7.22 -18.61 -0.85
C TYR A 127 -8.35 -17.88 -1.57
N HIS A 128 -9.29 -17.37 -0.79
CA HIS A 128 -10.36 -16.54 -1.32
C HIS A 128 -10.24 -15.13 -0.75
N TRP A 129 -9.02 -14.60 -0.83
CA TRP A 129 -8.75 -13.18 -0.75
C TRP A 129 -8.37 -12.67 0.61
N ASP A 130 -8.71 -13.43 1.66
CA ASP A 130 -8.51 -12.94 3.02
C ASP A 130 -7.12 -13.21 3.57
N LEU A 131 -6.12 -12.62 2.90
CA LEU A 131 -4.74 -12.69 3.34
C LEU A 131 -4.63 -12.23 4.77
N PRO A 132 -3.87 -12.97 5.60
CA PRO A 132 -3.57 -12.55 6.97
C PRO A 132 -2.88 -11.20 6.98
N GLN A 133 -3.42 -10.27 7.75
CA GLN A 133 -2.91 -8.91 7.79
C GLN A 133 -1.44 -8.80 8.26
N ALA A 134 -0.94 -9.85 8.88
CA ALA A 134 0.43 -9.85 9.38
C ALA A 134 1.42 -10.09 8.24
N LEU A 135 0.94 -10.78 7.21
CA LEU A 135 1.76 -11.01 6.02
C LEU A 135 1.76 -9.77 5.16
N GLN A 136 0.62 -9.09 5.16
CA GLN A 136 0.49 -7.82 4.46
C GLN A 136 1.43 -6.80 5.10
N ASP A 137 1.82 -7.05 6.34
CA ASP A 137 2.67 -6.11 7.05
C ASP A 137 4.14 -6.29 6.71
N LYS A 138 4.51 -7.48 6.25
CA LYS A 138 5.62 -7.63 5.33
C LYS A 138 4.98 -7.24 4.01
N GLY A 139 5.60 -7.53 2.90
CA GLY A 139 5.04 -7.02 1.65
C GLY A 139 3.62 -7.39 1.22
N GLY A 140 2.99 -8.29 1.94
CA GLY A 140 1.81 -8.96 1.39
C GLY A 140 2.29 -9.74 0.18
N TRP A 141 1.53 -9.70 -0.92
CA TRP A 141 1.89 -10.50 -2.07
C TRP A 141 3.11 -10.01 -2.89
N THR A 142 3.59 -8.80 -2.64
CA THR A 142 4.79 -8.37 -3.34
C THR A 142 6.02 -9.01 -2.72
N ASN A 143 5.82 -9.67 -1.59
CA ASN A 143 6.89 -10.41 -0.94
C ASN A 143 6.82 -11.87 -1.41
N ARG A 144 7.92 -12.36 -1.96
CA ARG A 144 7.98 -13.74 -2.43
C ARG A 144 7.61 -14.70 -1.29
N ASP A 145 8.03 -14.37 -0.08
CA ASP A 145 7.78 -15.22 1.08
C ASP A 145 6.32 -15.65 1.19
N THR A 146 5.43 -14.74 0.84
CA THR A 146 4.01 -14.99 0.99
C THR A 146 3.62 -16.23 0.21
N ALA A 147 4.24 -16.40 -0.95
CA ALA A 147 3.97 -17.56 -1.77
C ALA A 147 4.41 -18.83 -1.04
N LYS A 148 5.56 -18.75 -0.40
CA LYS A 148 6.09 -19.87 0.36
C LYS A 148 5.19 -20.21 1.57
N TYR A 149 4.70 -19.18 2.24
CA TYR A 149 3.84 -19.43 3.38
C TYR A 149 2.47 -19.97 2.94
N PHE A 150 2.00 -19.53 1.78
CA PHE A 150 0.77 -20.05 1.24
C PHE A 150 0.91 -21.57 1.06
N ALA A 151 2.01 -22.00 0.46
CA ALA A 151 2.24 -23.42 0.20
C ALA A 151 2.21 -24.22 1.49
N GLU A 152 2.86 -23.69 2.52
CA GLU A 152 2.90 -24.38 3.80
C GLU A 152 1.50 -24.50 4.38
N TYR A 153 0.75 -23.41 4.35
CA TYR A 153 -0.62 -23.42 4.84
C TYR A 153 -1.46 -24.40 4.00
N ALA A 154 -1.17 -24.45 2.70
CA ALA A 154 -1.74 -25.45 1.80
C ALA A 154 -1.36 -26.88 2.23
N ARG A 155 -0.09 -27.08 2.54
CA ARG A 155 0.35 -28.38 3.02
C ARG A 155 -0.45 -28.79 4.26
N LEU A 156 -0.52 -27.89 5.23
CA LEU A 156 -1.22 -28.13 6.50
C LEU A 156 -2.61 -28.71 6.30
N MET A 157 -3.33 -28.11 5.36
CA MET A 157 -4.70 -28.47 5.08
C MET A 157 -4.84 -29.77 4.29
N PHE A 158 -3.88 -30.05 3.41
CA PHE A 158 -3.90 -31.32 2.72
C PHE A 158 -3.79 -32.43 3.75
N GLU A 159 -2.78 -32.31 4.60
CA GLU A 159 -2.50 -33.31 5.63
C GLU A 159 -3.75 -33.55 6.48
N GLU A 160 -4.41 -32.46 6.87
CA GLU A 160 -5.54 -32.56 7.79
C GLU A 160 -6.77 -33.23 7.20
N PHE A 161 -7.12 -32.85 5.98
CA PHE A 161 -8.32 -33.36 5.35
C PHE A 161 -8.02 -34.44 4.32
N ASN A 162 -6.88 -35.12 4.49
CA ASN A 162 -6.44 -36.12 3.54
C ASN A 162 -7.58 -37.01 3.04
N GLY A 163 -8.17 -37.79 3.94
CA GLY A 163 -9.21 -38.71 3.52
C GLY A 163 -10.59 -38.10 3.30
N LEU A 164 -10.71 -36.81 3.56
CA LEU A 164 -12.02 -36.20 3.72
C LEU A 164 -12.40 -35.30 2.55
N VAL A 165 -11.43 -34.52 2.08
CA VAL A 165 -11.70 -33.50 1.07
C VAL A 165 -11.09 -33.86 -0.25
N ASP A 166 -11.88 -33.64 -1.29
CA ASP A 166 -11.79 -34.38 -2.54
C ASP A 166 -11.34 -33.51 -3.68
N LEU A 167 -11.82 -32.26 -3.67
CA LEU A 167 -11.61 -31.30 -4.72
C LEU A 167 -11.02 -30.09 -4.09
N TRP A 168 -9.88 -29.66 -4.62
CA TRP A 168 -9.17 -28.53 -4.06
C TRP A 168 -8.99 -27.44 -5.09
N VAL A 169 -9.18 -26.20 -4.64
CA VAL A 169 -8.89 -25.06 -5.50
C VAL A 169 -7.91 -24.12 -4.80
N THR A 170 -6.75 -23.92 -5.42
CA THR A 170 -5.72 -23.08 -4.82
C THR A 170 -6.16 -21.62 -4.70
N HIS A 171 -6.56 -21.00 -5.81
CA HIS A 171 -6.89 -19.57 -5.81
C HIS A 171 -8.26 -19.25 -6.39
N ASN A 172 -8.95 -18.27 -5.80
CA ASN A 172 -10.13 -17.71 -6.46
C ASN A 172 -9.82 -16.36 -7.13
N GLU A 173 -9.84 -16.34 -8.46
CA GLU A 173 -9.82 -15.06 -9.19
C GLU A 173 -8.57 -14.18 -8.98
N PRO A 174 -7.38 -14.76 -9.20
CA PRO A 174 -6.11 -14.06 -9.03
C PRO A 174 -6.16 -12.68 -9.66
N TRP A 175 -6.71 -12.59 -10.87
CA TRP A 175 -6.75 -11.32 -11.59
C TRP A 175 -7.27 -10.18 -10.72
N VAL A 176 -8.42 -10.40 -10.09
CA VAL A 176 -9.04 -9.31 -9.35
C VAL A 176 -8.27 -9.04 -8.05
N VAL A 177 -7.98 -10.12 -7.33
CA VAL A 177 -7.08 -10.02 -6.20
C VAL A 177 -5.96 -9.03 -6.53
N ALA A 178 -5.22 -9.31 -7.60
CA ALA A 178 -4.13 -8.45 -8.07
C ALA A 178 -4.56 -7.02 -8.42
N PHE A 179 -5.37 -6.88 -9.46
CA PHE A 179 -5.74 -5.56 -9.99
C PHE A 179 -6.78 -4.79 -9.17
N GLU A 180 -7.81 -5.47 -8.69
CA GLU A 180 -8.81 -4.81 -7.86
C GLU A 180 -8.24 -4.41 -6.51
N GLY A 181 -7.31 -5.22 -6.01
CA GLY A 181 -6.71 -4.99 -4.71
C GLY A 181 -5.41 -4.21 -4.64
N HIS A 182 -4.67 -4.10 -5.75
CA HIS A 182 -3.40 -3.36 -5.79
C HIS A 182 -3.23 -2.40 -7.00
N ALA A 183 -4.23 -2.32 -7.86
CA ALA A 183 -4.18 -1.41 -8.99
C ALA A 183 -5.18 -0.27 -8.81
N PHE A 184 -6.45 -0.60 -8.70
CA PHE A 184 -7.49 0.41 -8.54
C PHE A 184 -7.85 0.56 -7.08
N GLY A 185 -7.29 -0.32 -6.25
CA GLY A 185 -7.35 -0.20 -4.80
C GLY A 185 -8.73 -0.05 -4.20
N ASN A 186 -9.70 -0.80 -4.73
CA ASN A 186 -11.02 -0.90 -4.12
C ASN A 186 -11.39 -2.31 -3.71
N HIS A 187 -10.36 -3.10 -3.44
CA HIS A 187 -10.43 -4.33 -2.66
C HIS A 187 -9.22 -4.27 -1.73
N ALA A 188 -9.22 -5.05 -0.66
CA ALA A 188 -8.01 -5.13 0.14
C ALA A 188 -6.84 -5.62 -0.73
N PRO A 189 -5.65 -5.09 -0.48
CA PRO A 189 -5.35 -4.26 0.68
C PRO A 189 -5.51 -2.78 0.35
N GLY A 190 -6.17 -2.50 -0.75
CA GLY A 190 -6.49 -1.12 -1.10
C GLY A 190 -5.47 -0.29 -1.84
N THR A 191 -4.31 -0.87 -2.17
CA THR A 191 -3.25 -0.12 -2.87
C THR A 191 -3.60 0.24 -4.31
N LYS A 192 -2.87 1.21 -4.87
CA LYS A 192 -3.13 1.70 -6.23
C LYS A 192 -1.84 1.90 -7.02
N ASP A 193 -1.21 0.80 -7.41
CA ASP A 193 0.05 0.85 -8.14
C ASP A 193 0.14 -0.30 -9.13
N PHE A 194 -0.24 -0.03 -10.38
CA PHE A 194 -0.25 -1.03 -11.43
C PHE A 194 1.02 -1.88 -11.46
N LYS A 195 2.16 -1.27 -11.13
CA LYS A 195 3.41 -2.01 -11.09
C LYS A 195 3.31 -3.13 -10.06
N THR A 196 2.85 -2.80 -8.85
CA THR A 196 2.80 -3.81 -7.79
C THR A 196 1.72 -4.86 -8.09
N ALA A 197 0.68 -4.46 -8.82
CA ALA A 197 -0.33 -5.42 -9.24
C ALA A 197 0.31 -6.52 -10.11
N LEU A 198 1.19 -6.13 -11.02
CA LEU A 198 1.82 -7.09 -11.92
C LEU A 198 2.67 -8.10 -11.15
N GLN A 199 3.34 -7.59 -10.12
CA GLN A 199 4.17 -8.43 -9.24
C GLN A 199 3.28 -9.33 -8.39
N VAL A 200 2.21 -8.78 -7.83
CA VAL A 200 1.31 -9.60 -7.05
C VAL A 200 0.80 -10.73 -7.93
N ALA A 201 0.34 -10.38 -9.12
CA ALA A 201 -0.16 -11.36 -10.07
C ALA A 201 0.83 -12.51 -10.21
N HIS A 202 2.11 -12.16 -10.32
CA HIS A 202 3.13 -13.18 -10.57
C HIS A 202 3.37 -14.11 -9.39
N HIS A 203 3.32 -13.54 -8.19
CA HIS A 203 3.48 -14.32 -6.97
C HIS A 203 2.26 -15.19 -6.63
N LEU A 204 1.04 -14.75 -6.96
CA LEU A 204 -0.12 -15.61 -6.82
C LEU A 204 0.08 -16.83 -7.69
N LEU A 205 0.25 -16.59 -8.98
CA LEU A 205 0.54 -17.68 -9.92
C LEU A 205 1.62 -18.62 -9.37
N LEU A 206 2.65 -18.04 -8.78
CA LEU A 206 3.77 -18.82 -8.28
C LEU A 206 3.31 -19.75 -7.17
N SER A 207 2.78 -19.15 -6.11
CA SER A 207 2.29 -19.90 -4.96
C SER A 207 1.30 -20.98 -5.38
N HIS A 208 0.51 -20.71 -6.41
CA HIS A 208 -0.38 -21.72 -6.95
C HIS A 208 0.39 -23.01 -7.25
N GLY A 209 1.41 -22.88 -8.08
CA GLY A 209 2.20 -24.01 -8.52
C GLY A 209 2.88 -24.71 -7.37
N MET A 210 3.44 -23.93 -6.46
CA MET A 210 4.06 -24.49 -5.28
C MET A 210 3.05 -25.38 -4.54
N ALA A 211 1.82 -24.90 -4.42
CA ALA A 211 0.77 -25.65 -3.75
C ALA A 211 0.49 -26.96 -4.48
N VAL A 212 0.29 -26.88 -5.79
CA VAL A 212 0.03 -28.12 -6.54
C VAL A 212 1.21 -29.12 -6.45
N ASP A 213 2.43 -28.62 -6.32
CA ASP A 213 3.58 -29.49 -6.08
C ASP A 213 3.41 -30.24 -4.76
N ILE A 214 3.06 -29.51 -3.71
CA ILE A 214 2.92 -30.09 -2.39
C ILE A 214 1.76 -31.07 -2.40
N PHE A 215 0.77 -30.76 -3.22
CA PHE A 215 -0.37 -31.64 -3.34
C PHE A 215 0.08 -33.03 -3.79
N ARG A 216 0.67 -33.10 -4.98
CA ARG A 216 1.16 -34.34 -5.54
C ARG A 216 2.04 -35.05 -4.55
N GLU A 217 2.96 -34.31 -3.96
CA GLU A 217 3.89 -34.87 -2.99
C GLU A 217 3.16 -35.56 -1.83
N GLU A 218 2.13 -34.91 -1.28
CA GLU A 218 1.38 -35.47 -0.15
C GLU A 218 0.51 -36.65 -0.56
N ASP A 219 0.19 -36.73 -1.84
CA ASP A 219 -0.56 -37.85 -2.38
C ASP A 219 -1.91 -38.01 -1.71
N LEU A 220 -2.74 -36.97 -1.76
CA LEU A 220 -4.13 -37.09 -1.32
C LEU A 220 -4.94 -37.62 -2.47
N PRO A 221 -5.91 -38.47 -2.15
CA PRO A 221 -6.88 -39.07 -3.09
C PRO A 221 -7.52 -38.16 -4.15
N GLY A 222 -7.84 -36.89 -3.87
CA GLY A 222 -8.60 -36.07 -4.83
C GLY A 222 -7.98 -35.46 -6.10
N GLU A 223 -8.56 -34.35 -6.58
CA GLU A 223 -8.01 -33.61 -7.71
C GLU A 223 -7.90 -32.13 -7.38
N ILE A 224 -6.82 -31.49 -7.83
CA ILE A 224 -6.59 -30.08 -7.55
C ILE A 224 -6.76 -29.25 -8.82
N GLY A 225 -7.10 -27.98 -8.65
CA GLY A 225 -7.29 -27.10 -9.80
C GLY A 225 -7.16 -25.66 -9.37
N ILE A 226 -7.54 -24.73 -10.25
CA ILE A 226 -7.50 -23.28 -9.94
C ILE A 226 -8.69 -22.56 -10.55
N THR A 227 -9.13 -21.51 -9.89
CA THR A 227 -10.31 -20.79 -10.35
C THR A 227 -9.92 -19.44 -10.91
N LEU A 228 -10.05 -19.30 -12.23
CA LEU A 228 -9.89 -18.02 -12.91
C LEU A 228 -11.24 -17.40 -13.23
N ASN A 229 -11.31 -16.08 -13.17
CA ASN A 229 -12.44 -15.37 -13.74
C ASN A 229 -12.20 -15.03 -15.22
N LEU A 230 -12.97 -15.64 -16.10
CA LEU A 230 -12.93 -15.32 -17.53
C LEU A 230 -14.12 -14.45 -17.93
N THR A 231 -13.83 -13.42 -18.72
CA THR A 231 -14.86 -12.57 -19.26
C THR A 231 -14.49 -12.32 -20.73
N PRO A 232 -15.17 -13.02 -21.65
CA PRO A 232 -14.90 -12.78 -23.08
C PRO A 232 -15.03 -11.31 -23.46
N ALA A 233 -14.21 -10.87 -24.39
CA ALA A 233 -14.25 -9.49 -24.86
C ALA A 233 -14.56 -9.43 -26.36
N TYR A 234 -15.34 -8.42 -26.76
CA TYR A 234 -15.67 -8.26 -28.18
C TYR A 234 -15.67 -6.79 -28.63
N PRO A 235 -15.30 -6.57 -29.91
CA PRO A 235 -15.21 -5.24 -30.53
C PRO A 235 -16.57 -4.58 -30.73
N ALA A 236 -16.67 -3.30 -30.36
CA ALA A 236 -17.91 -2.56 -30.53
C ALA A 236 -18.13 -2.29 -32.00
N GLY A 237 -17.31 -1.40 -32.58
CA GLY A 237 -17.37 -1.11 -33.99
C GLY A 237 -16.63 -2.18 -34.80
N ASP A 238 -16.67 -2.05 -36.11
CA ASP A 238 -16.00 -2.99 -37.00
C ASP A 238 -14.50 -2.68 -37.09
N SER A 239 -14.12 -1.51 -36.58
CA SER A 239 -12.74 -1.01 -36.68
C SER A 239 -11.68 -2.09 -36.42
N GLU A 240 -10.55 -2.01 -37.13
CA GLU A 240 -9.42 -2.85 -36.81
C GLU A 240 -8.84 -2.31 -35.52
N LYS A 241 -9.00 -1.00 -35.35
CA LYS A 241 -8.54 -0.29 -34.17
C LYS A 241 -9.32 -0.71 -32.93
N ASP A 242 -10.42 -1.43 -33.14
CA ASP A 242 -11.24 -1.97 -32.06
C ASP A 242 -10.85 -3.41 -31.76
N VAL A 243 -10.79 -4.24 -32.80
CA VAL A 243 -10.39 -5.62 -32.62
C VAL A 243 -9.08 -5.67 -31.84
N LYS A 244 -8.05 -5.01 -32.38
CA LYS A 244 -6.77 -4.96 -31.69
C LYS A 244 -6.98 -4.49 -30.25
N ALA A 245 -7.84 -3.49 -30.07
CA ALA A 245 -8.10 -2.91 -28.76
C ALA A 245 -8.89 -3.81 -27.81
N ALA A 246 -9.56 -4.82 -28.35
CA ALA A 246 -10.27 -5.77 -27.49
C ALA A 246 -9.39 -6.96 -27.18
N SER A 247 -8.63 -7.43 -28.15
CA SER A 247 -7.70 -8.53 -27.92
C SER A 247 -6.85 -8.21 -26.71
N LEU A 248 -6.39 -6.97 -26.64
CA LEU A 248 -5.64 -6.47 -25.49
C LEU A 248 -6.39 -6.69 -24.18
N LEU A 249 -7.48 -5.96 -23.97
CA LEU A 249 -8.35 -6.17 -22.80
C LEU A 249 -8.47 -7.64 -22.43
N ASP A 250 -8.80 -8.46 -23.41
CA ASP A 250 -9.04 -9.87 -23.18
C ASP A 250 -7.80 -10.58 -22.63
N ASP A 251 -6.66 -10.33 -23.26
CA ASP A 251 -5.40 -10.93 -22.82
C ASP A 251 -5.03 -10.41 -21.44
N TYR A 252 -5.53 -9.24 -21.10
CA TYR A 252 -5.20 -8.52 -19.87
C TYR A 252 -5.86 -9.13 -18.64
N ILE A 253 -7.02 -9.72 -18.87
CA ILE A 253 -7.75 -10.50 -17.88
C ILE A 253 -7.52 -12.00 -18.05
N ASN A 254 -7.75 -12.50 -19.26
CA ASN A 254 -7.83 -13.93 -19.49
C ASN A 254 -6.50 -14.63 -19.84
N ALA A 255 -5.92 -14.30 -20.99
CA ALA A 255 -4.69 -14.97 -21.40
C ALA A 255 -3.62 -14.79 -20.34
N TRP A 256 -3.70 -13.66 -19.64
CA TRP A 256 -2.66 -13.27 -18.71
C TRP A 256 -2.51 -14.25 -17.52
N PHE A 257 -3.55 -15.03 -17.27
CA PHE A 257 -3.46 -16.10 -16.29
C PHE A 257 -3.56 -17.48 -16.93
N LEU A 258 -4.37 -17.59 -17.97
CA LEU A 258 -4.51 -18.84 -18.68
C LEU A 258 -3.19 -19.31 -19.26
N SER A 259 -2.50 -18.41 -19.95
CA SER A 259 -1.25 -18.77 -20.60
C SER A 259 -0.19 -19.30 -19.64
N PRO A 260 0.09 -18.56 -18.54
CA PRO A 260 1.11 -19.05 -17.62
C PRO A 260 0.71 -20.41 -17.05
N VAL A 261 -0.57 -20.57 -16.73
CA VAL A 261 -1.02 -21.83 -16.17
C VAL A 261 -0.82 -22.92 -17.21
N PHE A 262 -1.50 -22.79 -18.33
CA PHE A 262 -1.58 -23.91 -19.26
C PHE A 262 -0.49 -23.98 -20.32
N LYS A 263 0.15 -22.86 -20.61
CA LYS A 263 1.17 -22.82 -21.65
C LYS A 263 2.58 -22.51 -21.12
N GLY A 264 2.66 -22.02 -19.89
CA GLY A 264 3.94 -21.79 -19.26
C GLY A 264 4.63 -20.50 -19.67
N SER A 265 3.84 -19.56 -20.20
CA SER A 265 4.37 -18.25 -20.58
C SER A 265 3.31 -17.17 -20.37
N TYR A 266 3.75 -15.95 -20.11
CA TYR A 266 2.81 -14.83 -20.16
C TYR A 266 2.53 -14.55 -21.64
N PRO A 267 1.42 -13.86 -21.94
CA PRO A 267 1.16 -13.47 -23.33
C PRO A 267 2.06 -12.33 -23.77
N GLU A 268 2.90 -12.60 -24.76
CA GLU A 268 4.02 -11.74 -25.16
C GLU A 268 3.66 -10.32 -25.53
N GLU A 269 2.69 -10.13 -26.42
CA GLU A 269 2.33 -8.76 -26.80
C GLU A 269 2.15 -7.90 -25.55
N LEU A 270 1.25 -8.31 -24.67
CA LEU A 270 1.00 -7.57 -23.43
C LEU A 270 2.22 -7.55 -22.53
N HIS A 271 2.82 -8.71 -22.31
CA HIS A 271 4.05 -8.80 -21.53
C HIS A 271 5.04 -7.72 -21.96
N HIS A 272 5.14 -7.51 -23.26
CA HIS A 272 6.09 -6.56 -23.81
C HIS A 272 5.65 -5.13 -23.60
N ILE A 273 4.35 -4.84 -23.77
CA ILE A 273 3.94 -3.44 -23.64
C ILE A 273 4.00 -3.00 -22.17
N TYR A 274 3.76 -3.95 -21.27
CA TYR A 274 3.92 -3.70 -19.84
C TYR A 274 5.34 -3.28 -19.58
N GLU A 275 6.28 -4.15 -19.95
CA GLU A 275 7.69 -3.92 -19.64
C GLU A 275 8.19 -2.65 -20.32
N GLN A 276 7.67 -2.38 -21.51
CA GLN A 276 7.96 -1.15 -22.22
C GLN A 276 7.70 0.04 -21.31
N ASN A 277 6.43 0.18 -20.91
CA ASN A 277 5.93 1.35 -20.21
C ASN A 277 6.27 1.39 -18.71
N LEU A 278 6.03 0.28 -18.02
CA LEU A 278 6.41 0.16 -16.63
C LEU A 278 7.70 -0.62 -16.69
N GLY A 279 8.25 -1.01 -15.56
CA GLY A 279 9.48 -1.78 -15.61
C GLY A 279 9.23 -3.25 -15.89
N ALA A 280 10.20 -4.08 -15.52
CA ALA A 280 9.98 -5.51 -15.44
C ALA A 280 9.56 -5.84 -14.01
N PHE A 281 8.64 -6.76 -13.85
CA PHE A 281 8.43 -7.31 -12.52
C PHE A 281 9.44 -8.41 -12.26
N THR A 282 9.91 -8.54 -11.03
CA THR A 282 10.97 -9.50 -10.78
C THR A 282 10.47 -10.95 -10.83
N THR A 283 10.96 -11.65 -11.83
CA THR A 283 10.74 -13.07 -12.01
C THR A 283 11.90 -13.77 -11.30
N GLN A 284 12.13 -15.03 -11.62
CA GLN A 284 13.21 -15.79 -11.00
C GLN A 284 13.25 -17.13 -11.70
N PRO A 285 14.34 -17.38 -12.45
CA PRO A 285 14.46 -18.50 -13.40
C PRO A 285 13.82 -19.78 -12.89
N GLY A 286 12.96 -20.36 -13.71
CA GLY A 286 12.30 -21.59 -13.34
C GLY A 286 10.97 -21.37 -12.66
N ASP A 287 10.58 -20.11 -12.49
CA ASP A 287 9.26 -19.77 -11.96
C ASP A 287 8.14 -20.24 -12.87
N MET A 288 8.27 -19.94 -14.16
CA MET A 288 7.23 -20.32 -15.12
C MET A 288 7.03 -21.84 -15.21
N ASP A 289 7.97 -22.60 -14.65
CA ASP A 289 7.87 -24.06 -14.58
C ASP A 289 7.01 -24.50 -13.41
N ILE A 290 7.20 -23.82 -12.28
CA ILE A 290 6.33 -24.03 -11.13
C ILE A 290 4.91 -23.64 -11.48
N ILE A 291 4.76 -22.47 -12.09
CA ILE A 291 3.43 -21.95 -12.39
C ILE A 291 2.61 -22.94 -13.21
N SER A 292 3.26 -23.64 -14.13
CA SER A 292 2.53 -24.47 -15.07
C SER A 292 2.59 -25.96 -14.76
N ARG A 293 2.79 -26.32 -13.50
CA ARG A 293 2.70 -27.72 -13.14
C ARG A 293 1.37 -28.24 -13.61
N ASP A 294 1.35 -29.52 -13.92
CA ASP A 294 0.16 -30.15 -14.40
C ASP A 294 -0.92 -30.08 -13.33
N ILE A 295 -2.12 -29.61 -13.69
CA ILE A 295 -3.29 -29.67 -12.80
C ILE A 295 -4.40 -30.55 -13.35
N ASP A 296 -5.40 -30.87 -12.52
CA ASP A 296 -6.40 -31.90 -12.82
C ASP A 296 -7.72 -31.36 -13.35
N PHE A 297 -7.94 -30.05 -13.18
CA PHE A 297 -9.15 -29.39 -13.66
C PHE A 297 -8.98 -27.87 -13.57
N LEU A 298 -9.74 -27.14 -14.37
CA LEU A 298 -9.75 -25.70 -14.29
C LEU A 298 -11.13 -25.32 -13.80
N GLY A 299 -11.20 -24.24 -13.01
CA GLY A 299 -12.46 -23.77 -12.47
C GLY A 299 -12.75 -22.38 -12.99
N ILE A 300 -13.95 -22.19 -13.52
CA ILE A 300 -14.27 -20.93 -14.22
C ILE A 300 -15.41 -20.12 -13.60
N ASN A 301 -15.15 -18.83 -13.38
CA ASN A 301 -16.17 -17.93 -12.89
C ASN A 301 -16.63 -17.00 -14.02
N TYR A 302 -17.93 -17.06 -14.37
CA TYR A 302 -18.48 -16.26 -15.47
C TYR A 302 -19.70 -15.47 -15.03
N TYR A 303 -19.78 -14.21 -15.46
CA TYR A 303 -20.92 -13.35 -15.13
C TYR A 303 -21.43 -12.54 -16.34
N SER A 304 -20.50 -12.24 -17.25
CA SER A 304 -20.83 -11.39 -18.38
C SER A 304 -19.71 -11.34 -19.42
N ARG A 305 -20.02 -10.73 -20.56
CA ARG A 305 -19.01 -10.40 -21.57
C ARG A 305 -18.80 -8.90 -21.57
N MET A 306 -17.68 -8.45 -22.13
CA MET A 306 -17.42 -7.01 -22.25
C MET A 306 -17.30 -6.56 -23.69
N VAL A 307 -17.90 -5.40 -23.97
CA VAL A 307 -17.76 -4.78 -25.28
C VAL A 307 -16.72 -3.68 -25.24
N VAL A 308 -15.71 -3.80 -26.10
CA VAL A 308 -14.59 -2.87 -26.09
C VAL A 308 -14.52 -2.00 -27.32
N ARG A 309 -14.35 -0.71 -27.11
CA ARG A 309 -14.26 0.27 -28.16
C ARG A 309 -12.94 1.02 -28.02
N HIS A 310 -12.18 1.13 -29.11
CA HIS A 310 -10.95 1.90 -29.07
C HIS A 310 -11.26 3.38 -28.85
N LYS A 311 -10.52 4.04 -27.97
CA LYS A 311 -10.81 5.43 -27.62
C LYS A 311 -9.82 6.01 -26.62
N PRO A 312 -8.74 6.63 -27.13
CA PRO A 312 -7.69 7.22 -26.29
C PRO A 312 -8.22 8.35 -25.42
N GLY A 313 -8.18 8.20 -24.10
CA GLY A 313 -7.64 7.01 -23.46
C GLY A 313 -6.56 7.21 -22.37
N ASP A 314 -7.04 7.28 -21.12
CA ASP A 314 -6.19 7.45 -19.93
C ASP A 314 -5.31 6.22 -19.70
N ASN A 315 -5.74 5.10 -20.27
CA ASN A 315 -4.94 3.87 -20.22
C ASN A 315 -4.20 3.64 -21.52
N LEU A 316 -3.51 2.49 -21.59
CA LEU A 316 -2.60 2.21 -22.69
C LEU A 316 -2.95 0.95 -23.48
N PHE A 317 -4.16 0.91 -24.03
CA PHE A 317 -4.63 -0.25 -24.78
C PHE A 317 -5.19 0.05 -26.19
N ASN A 318 -5.67 1.26 -26.38
CA ASN A 318 -5.92 2.16 -25.28
C ASN A 318 -7.44 2.33 -25.26
N ALA A 319 -8.05 1.35 -24.62
CA ALA A 319 -9.44 1.00 -24.84
C ALA A 319 -10.37 1.54 -23.76
N GLU A 320 -11.66 1.45 -24.04
CA GLU A 320 -12.67 1.67 -23.02
C GLU A 320 -13.78 0.65 -23.20
N VAL A 321 -14.51 0.42 -22.12
CA VAL A 321 -15.59 -0.57 -22.10
C VAL A 321 -16.94 0.11 -22.27
N VAL A 322 -17.74 -0.39 -23.22
CA VAL A 322 -18.99 0.29 -23.55
C VAL A 322 -20.14 -0.20 -22.69
N LYS A 323 -20.77 0.72 -21.98
CA LYS A 323 -22.01 0.41 -21.29
C LYS A 323 -23.08 0.12 -22.34
N MET A 324 -23.78 -1.00 -22.16
CA MET A 324 -24.80 -1.41 -23.12
C MET A 324 -26.18 -0.96 -22.65
N GLU A 325 -27.18 -1.13 -23.50
CA GLU A 325 -28.58 -0.92 -23.10
C GLU A 325 -29.56 -1.34 -24.19
N ARG A 327 -29.65 -4.55 -24.16
CA ARG A 327 -29.62 -5.72 -23.27
C ARG A 327 -30.11 -5.40 -21.87
N PRO A 328 -30.67 -6.41 -21.18
CA PRO A 328 -31.04 -6.28 -19.78
C PRO A 328 -29.85 -6.62 -18.90
N SER A 329 -29.82 -6.11 -17.66
CA SER A 329 -28.66 -6.28 -16.79
C SER A 329 -29.02 -6.58 -15.33
N THR A 330 -28.04 -7.06 -14.58
CA THR A 330 -28.23 -7.38 -13.17
C THR A 330 -28.02 -6.14 -12.30
N GLU A 331 -28.34 -6.30 -11.00
CA GLU A 331 -28.25 -5.21 -10.03
C GLU A 331 -26.83 -4.67 -9.86
N MET A 332 -25.85 -5.44 -10.32
CA MET A 332 -24.46 -5.01 -10.32
C MET A 332 -24.19 -4.15 -11.53
N GLY A 333 -25.12 -4.20 -12.49
CA GLY A 333 -24.98 -3.51 -13.75
C GLY A 333 -24.36 -4.43 -14.78
N TRP A 334 -24.31 -5.72 -14.46
CA TRP A 334 -23.66 -6.68 -15.34
C TRP A 334 -24.60 -7.11 -16.46
N GLU A 335 -24.21 -6.83 -17.68
CA GLU A 335 -25.00 -7.21 -18.85
C GLU A 335 -25.27 -8.71 -18.84
N ILE A 336 -26.53 -9.09 -18.75
CA ILE A 336 -26.93 -10.48 -18.89
C ILE A 336 -26.76 -10.87 -20.35
N TYR A 337 -25.90 -11.85 -20.61
CA TYR A 337 -25.68 -12.32 -21.97
C TYR A 337 -25.16 -13.75 -21.98
N PRO A 338 -26.05 -14.72 -21.78
CA PRO A 338 -25.81 -16.15 -21.57
C PRO A 338 -24.98 -16.90 -22.63
N GLN A 339 -25.01 -16.50 -23.90
CA GLN A 339 -24.28 -17.27 -24.89
C GLN A 339 -22.77 -17.11 -24.74
N GLY A 340 -22.34 -15.92 -24.33
CA GLY A 340 -20.93 -15.64 -24.04
C GLY A 340 -20.30 -16.75 -23.23
N LEU A 341 -21.08 -17.36 -22.34
CA LEU A 341 -20.64 -18.50 -21.51
C LEU A 341 -20.37 -19.75 -22.36
N TYR A 342 -21.16 -19.91 -23.42
CA TYR A 342 -20.88 -21.00 -24.34
C TYR A 342 -19.53 -20.74 -24.98
N ASP A 343 -19.45 -19.65 -25.75
CA ASP A 343 -18.20 -19.25 -26.37
C ASP A 343 -16.97 -19.57 -25.52
N ILE A 344 -16.93 -18.96 -24.33
CA ILE A 344 -15.75 -19.02 -23.47
C ILE A 344 -15.37 -20.43 -23.01
N LEU A 345 -16.36 -21.28 -22.75
CA LEU A 345 -16.11 -22.67 -22.39
C LEU A 345 -15.46 -23.47 -23.52
N VAL A 346 -16.00 -23.33 -24.73
CA VAL A 346 -15.46 -24.04 -25.88
C VAL A 346 -14.12 -23.45 -26.32
N ARG A 347 -13.88 -22.21 -25.89
CA ARG A 347 -12.63 -21.54 -26.18
C ARG A 347 -11.47 -22.01 -25.32
N VAL A 348 -11.71 -22.07 -24.01
CA VAL A 348 -10.71 -22.57 -23.08
C VAL A 348 -10.31 -23.97 -23.53
N ASN A 349 -11.30 -24.74 -23.95
CA ASN A 349 -11.10 -26.10 -24.40
C ASN A 349 -10.26 -26.17 -25.69
N LYS A 350 -10.48 -25.21 -26.59
CA LYS A 350 -9.77 -25.20 -27.87
C LYS A 350 -8.33 -24.73 -27.75
N GLU A 351 -8.10 -23.69 -26.94
CA GLU A 351 -6.83 -22.98 -26.99
C GLU A 351 -5.88 -23.25 -25.82
N TYR A 352 -6.41 -23.82 -24.74
CA TYR A 352 -5.66 -23.91 -23.48
C TYR A 352 -5.54 -25.29 -22.84
N THR A 353 -6.62 -26.07 -22.77
CA THR A 353 -6.51 -27.32 -22.04
C THR A 353 -7.59 -28.37 -22.35
N ASP A 354 -7.25 -29.64 -22.12
CA ASP A 354 -8.15 -30.76 -22.33
C ASP A 354 -8.73 -31.21 -21.01
N LYS A 355 -8.15 -30.67 -19.93
CA LYS A 355 -8.55 -31.04 -18.58
C LYS A 355 -10.02 -30.70 -18.32
N PRO A 356 -10.66 -31.47 -17.44
CA PRO A 356 -12.08 -31.24 -17.14
C PRO A 356 -12.33 -29.80 -16.71
N LEU A 357 -13.56 -29.32 -16.94
CA LEU A 357 -13.92 -27.96 -16.58
C LEU A 357 -15.08 -27.89 -15.58
N TYR A 358 -14.97 -26.93 -14.67
CA TYR A 358 -16.00 -26.67 -13.69
C TYR A 358 -16.38 -25.20 -13.75
N ILE A 359 -17.65 -24.90 -13.95
CA ILE A 359 -18.14 -23.58 -13.64
C ILE A 359 -18.20 -23.47 -12.13
N THR A 360 -17.25 -22.76 -11.54
CA THR A 360 -17.16 -22.67 -10.10
C THR A 360 -17.94 -21.46 -9.56
N GLU A 361 -18.41 -20.61 -10.47
CA GLU A 361 -19.20 -19.46 -10.06
C GLU A 361 -20.02 -18.92 -11.22
N ASN A 362 -21.34 -18.94 -11.07
CA ASN A 362 -22.22 -18.17 -11.93
C ASN A 362 -23.51 -17.85 -11.19
N GLY A 363 -24.01 -16.65 -11.40
CA GLY A 363 -25.20 -16.23 -10.73
C GLY A 363 -25.41 -14.76 -10.96
N ALA A 364 -26.45 -14.22 -10.33
CA ALA A 364 -26.76 -12.82 -10.49
C ALA A 364 -27.51 -12.26 -9.30
N ALA A 365 -27.34 -10.95 -9.10
CA ALA A 365 -28.04 -10.25 -8.02
C ALA A 365 -29.25 -9.49 -8.55
N PHE A 366 -30.40 -9.78 -7.97
CA PHE A 366 -31.57 -9.00 -8.27
C PHE A 366 -32.05 -8.33 -7.00
N ASP A 367 -32.99 -7.42 -7.18
CA ASP A 367 -33.51 -6.62 -6.09
C ASP A 367 -34.60 -7.40 -5.35
N ASP A 368 -34.19 -8.35 -4.52
CA ASP A 368 -35.13 -9.28 -3.89
C ASP A 368 -36.02 -8.63 -2.85
N LYS A 369 -37.29 -9.03 -2.84
CA LYS A 369 -38.24 -8.57 -1.85
C LYS A 369 -38.78 -9.75 -1.04
N LEU A 370 -38.62 -9.67 0.28
CA LEU A 370 -39.01 -10.75 1.18
C LEU A 370 -40.49 -10.58 1.52
N THR A 371 -41.29 -11.56 1.17
CA THR A 371 -42.73 -11.50 1.36
C THR A 371 -43.06 -11.66 2.85
N GLU A 372 -44.20 -11.12 3.26
CA GLU A 372 -44.60 -11.21 4.66
C GLU A 372 -44.62 -12.64 5.20
N GLU A 373 -44.94 -13.61 4.35
CA GLU A 373 -44.96 -15.00 4.77
C GLU A 373 -43.64 -15.71 4.45
N GLY A 374 -42.55 -14.95 4.41
CA GLY A 374 -41.24 -15.52 4.21
C GLY A 374 -40.97 -16.11 2.83
N LYS A 375 -41.68 -15.61 1.84
CA LYS A 375 -41.53 -16.13 0.49
C LYS A 375 -40.76 -15.12 -0.35
N ILE A 376 -39.95 -15.59 -1.31
CA ILE A 376 -39.22 -14.65 -2.15
C ILE A 376 -39.24 -15.10 -3.64
N HIS A 377 -40.21 -14.57 -4.39
CA HIS A 377 -40.45 -15.09 -5.73
C HIS A 377 -39.48 -14.47 -6.71
N ASP A 378 -38.26 -14.98 -6.74
CA ASP A 378 -37.18 -14.38 -7.55
C ASP A 378 -37.13 -14.89 -9.00
N GLU A 379 -38.14 -14.54 -9.79
CA GLU A 379 -38.29 -14.99 -11.17
C GLU A 379 -37.06 -14.70 -12.03
N LYS A 380 -36.63 -13.44 -12.02
CA LYS A 380 -35.49 -13.01 -12.81
C LYS A 380 -34.26 -13.90 -12.60
N ARG A 381 -33.97 -14.21 -11.35
CA ARG A 381 -32.88 -15.09 -11.04
C ARG A 381 -33.09 -16.45 -11.68
N ILE A 382 -34.31 -16.98 -11.57
CA ILE A 382 -34.66 -18.29 -12.12
C ILE A 382 -34.34 -18.33 -13.59
N ASN A 383 -34.71 -17.27 -14.30
CA ASN A 383 -34.49 -17.21 -15.73
C ASN A 383 -33.01 -17.12 -16.04
N TYR A 384 -32.32 -16.19 -15.38
CA TYR A 384 -30.88 -16.04 -15.55
C TYR A 384 -30.17 -17.39 -15.43
N LEU A 385 -30.38 -18.10 -14.31
CA LEU A 385 -29.78 -19.42 -14.10
C LEU A 385 -30.10 -20.39 -15.23
N GLY A 386 -31.38 -20.50 -15.57
CA GLY A 386 -31.80 -21.39 -16.64
C GLY A 386 -31.06 -21.09 -17.92
N ASP A 387 -30.97 -19.81 -18.26
CA ASP A 387 -30.35 -19.40 -19.51
C ASP A 387 -28.91 -19.88 -19.61
N HIS A 388 -28.14 -19.60 -18.57
CA HIS A 388 -26.74 -20.02 -18.52
C HIS A 388 -26.63 -21.54 -18.35
N PHE A 389 -27.60 -22.12 -17.66
CA PHE A 389 -27.62 -23.57 -17.49
C PHE A 389 -27.73 -24.25 -18.84
N LYS A 390 -28.49 -23.66 -19.76
CA LYS A 390 -28.75 -24.27 -21.06
C LYS A 390 -27.55 -24.09 -21.97
N GLN A 391 -26.82 -23.02 -21.75
CA GLN A 391 -25.63 -22.75 -22.53
C GLN A 391 -24.53 -23.73 -22.18
N ALA A 392 -24.45 -24.05 -20.90
CA ALA A 392 -23.46 -25.02 -20.44
C ALA A 392 -23.77 -26.36 -21.05
N TYR A 393 -25.06 -26.68 -21.10
CA TYR A 393 -25.51 -27.95 -21.65
C TYR A 393 -25.02 -28.08 -23.08
N LYS A 394 -25.07 -26.96 -23.80
CA LYS A 394 -24.64 -26.90 -25.18
C LYS A 394 -23.12 -27.13 -25.29
N ALA A 395 -22.34 -26.39 -24.53
CA ALA A 395 -20.90 -26.64 -24.47
C ALA A 395 -20.65 -28.13 -24.19
N LEU A 396 -21.47 -28.69 -23.32
CA LEU A 396 -21.33 -30.08 -22.97
C LEU A 396 -21.64 -30.88 -24.22
N LYS A 397 -22.67 -30.43 -24.94
CA LYS A 397 -23.22 -31.14 -26.09
C LYS A 397 -22.24 -31.19 -27.25
N ASP A 398 -21.33 -30.23 -27.29
CA ASP A 398 -20.21 -30.27 -28.21
C ASP A 398 -18.98 -30.79 -27.44
N GLY A 399 -17.79 -30.37 -27.80
CA GLY A 399 -16.60 -30.93 -27.17
C GLY A 399 -16.44 -30.97 -25.65
N VAL A 400 -16.69 -29.85 -24.98
CA VAL A 400 -16.17 -29.58 -23.64
C VAL A 400 -16.50 -30.55 -22.50
N PRO A 401 -15.47 -30.93 -21.74
CA PRO A 401 -15.57 -31.82 -20.57
C PRO A 401 -16.05 -31.10 -19.28
N LEU A 402 -17.18 -30.41 -19.36
CA LEU A 402 -17.79 -29.77 -18.20
C LEU A 402 -18.24 -30.81 -17.17
N ARG A 403 -17.73 -30.71 -15.93
CA ARG A 403 -18.04 -31.67 -14.88
C ARG A 403 -19.00 -31.18 -13.79
N GLY A 404 -19.16 -29.87 -13.67
CA GLY A 404 -20.01 -29.33 -12.64
C GLY A 404 -20.29 -27.85 -12.79
N TYR A 405 -21.18 -27.36 -11.94
CA TYR A 405 -21.66 -25.99 -12.02
C TYR A 405 -22.03 -25.61 -10.60
N TYR A 406 -21.34 -24.61 -10.07
CA TYR A 406 -21.61 -24.11 -8.72
C TYR A 406 -22.30 -22.74 -8.80
N VAL A 407 -23.53 -22.65 -8.31
CA VAL A 407 -24.25 -21.39 -8.35
C VAL A 407 -23.72 -20.43 -7.32
N TRP A 408 -23.33 -19.24 -7.73
CA TRP A 408 -23.08 -18.16 -6.77
C TRP A 408 -24.40 -17.43 -6.47
N SER A 409 -24.84 -17.44 -5.21
CA SER A 409 -24.17 -18.06 -4.08
C SER A 409 -25.19 -18.94 -3.36
N LEU A 410 -24.74 -19.72 -2.38
CA LEU A 410 -25.65 -20.48 -1.55
C LEU A 410 -26.62 -19.54 -0.81
N MET A 411 -26.09 -18.44 -0.27
CA MET A 411 -26.92 -17.50 0.47
C MET A 411 -26.47 -16.08 0.18
N ASP A 412 -27.35 -15.11 0.37
CA ASP A 412 -26.93 -13.72 0.34
C ASP A 412 -25.76 -13.48 1.32
N ASN A 413 -24.90 -12.55 0.98
CA ASN A 413 -23.71 -12.33 1.79
C ASN A 413 -23.06 -10.97 1.50
N PHE A 414 -21.80 -10.82 1.91
CA PHE A 414 -21.11 -9.55 1.83
C PHE A 414 -20.46 -9.40 0.44
N GLU A 415 -21.07 -8.58 -0.41
CA GLU A 415 -20.56 -8.37 -1.77
C GLU A 415 -19.44 -7.33 -1.78
N TRP A 416 -18.36 -7.71 -1.09
CA TRP A 416 -17.12 -6.93 -1.03
C TRP A 416 -17.39 -5.43 -0.90
N ALA A 417 -16.98 -4.60 -1.86
CA ALA A 417 -17.15 -3.16 -1.71
C ALA A 417 -18.60 -2.74 -1.64
N TYR A 418 -19.49 -3.57 -2.17
CA TYR A 418 -20.91 -3.20 -2.19
C TYR A 418 -21.61 -3.54 -0.88
N GLY A 419 -21.00 -4.43 -0.11
CA GLY A 419 -21.56 -4.78 1.18
C GLY A 419 -22.80 -5.61 0.96
N TYR A 420 -23.79 -5.48 1.83
CA TYR A 420 -24.97 -6.33 1.76
C TYR A 420 -26.04 -5.80 0.81
N SER A 421 -25.75 -4.69 0.15
CA SER A 421 -26.68 -4.08 -0.80
C SER A 421 -27.03 -5.00 -1.98
N LYS A 422 -26.18 -5.97 -2.27
CA LYS A 422 -26.44 -6.88 -3.39
C LYS A 422 -26.59 -8.34 -2.95
N ARG A 423 -27.75 -8.93 -3.25
CA ARG A 423 -28.05 -10.31 -2.86
C ARG A 423 -27.94 -11.30 -4.02
N PHE A 424 -27.01 -12.25 -3.88
CA PHE A 424 -26.72 -13.23 -4.91
C PHE A 424 -27.25 -14.61 -4.55
N GLY A 425 -27.94 -14.74 -3.43
CA GLY A 425 -28.24 -16.05 -2.86
C GLY A 425 -29.32 -16.92 -3.50
N LEU A 426 -29.26 -18.19 -3.19
CA LEU A 426 -30.41 -19.05 -3.43
C LEU A 426 -31.27 -18.95 -2.16
N ILE A 427 -30.59 -18.60 -1.07
CA ILE A 427 -31.23 -18.42 0.21
C ILE A 427 -31.14 -16.95 0.58
N TYR A 428 -32.28 -16.38 0.98
CA TYR A 428 -32.34 -14.97 1.35
C TYR A 428 -31.96 -14.87 2.82
N VAL A 429 -31.06 -13.95 3.15
CA VAL A 429 -30.59 -13.80 4.53
C VAL A 429 -31.03 -12.48 5.17
N ASP A 430 -31.87 -12.59 6.19
CA ASP A 430 -32.46 -11.44 6.86
C ASP A 430 -31.56 -10.96 8.02
N TYR A 431 -30.42 -10.36 7.68
CA TYR A 431 -29.41 -10.06 8.71
C TYR A 431 -30.04 -9.41 9.95
N GLU A 432 -30.72 -8.29 9.73
CA GLU A 432 -31.20 -7.43 10.81
C GLU A 432 -32.10 -8.16 11.80
N ASN A 433 -32.59 -9.32 11.42
CA ASN A 433 -33.40 -10.11 12.35
C ASN A 433 -32.67 -11.29 12.97
N GLY A 434 -33.18 -12.50 12.81
CA GLY A 434 -32.50 -13.61 13.45
C GLY A 434 -31.21 -13.95 12.72
N ASN A 435 -30.89 -13.17 11.71
CA ASN A 435 -29.91 -13.59 10.73
C ASN A 435 -30.49 -14.85 10.14
N ARG A 436 -31.81 -14.96 10.19
CA ARG A 436 -32.52 -16.16 9.77
C ARG A 436 -32.61 -16.30 8.24
N ARG A 437 -32.73 -17.54 7.78
CA ARG A 437 -32.62 -17.89 6.37
C ARG A 437 -33.94 -18.27 5.72
N PHE A 438 -34.23 -17.67 4.58
CA PHE A 438 -35.39 -18.06 3.77
C PHE A 438 -34.97 -18.62 2.43
N LEU A 439 -35.44 -19.82 2.08
CA LEU A 439 -35.24 -20.35 0.72
C LEU A 439 -35.97 -19.47 -0.26
N LYS A 440 -35.28 -19.01 -1.29
CA LYS A 440 -35.92 -18.29 -2.39
C LYS A 440 -36.63 -19.29 -3.31
N ASP A 441 -37.42 -18.78 -4.24
CA ASP A 441 -38.05 -19.66 -5.22
C ASP A 441 -36.96 -20.34 -6.05
N SER A 442 -35.89 -19.61 -6.31
CA SER A 442 -34.84 -20.12 -7.17
C SER A 442 -34.21 -21.35 -6.55
N ALA A 443 -34.02 -21.32 -5.24
CA ALA A 443 -33.49 -22.48 -4.53
C ALA A 443 -34.35 -23.72 -4.80
N LEU A 444 -35.66 -23.55 -4.72
CA LEU A 444 -36.62 -24.65 -4.85
C LEU A 444 -36.71 -25.12 -6.28
N TRP A 445 -36.71 -24.16 -7.20
CA TRP A 445 -36.63 -24.46 -8.63
C TRP A 445 -35.38 -25.27 -8.94
N TYR A 446 -34.28 -24.93 -8.27
CA TYR A 446 -33.00 -25.56 -8.49
C TYR A 446 -33.03 -26.97 -7.94
N ARG A 447 -33.76 -27.16 -6.84
CA ARG A 447 -33.84 -28.49 -6.28
C ARG A 447 -34.37 -29.45 -7.34
N GLU A 448 -35.31 -28.94 -8.15
CA GLU A 448 -35.95 -29.70 -9.21
C GLU A 448 -35.00 -29.98 -10.37
N VAL A 449 -34.29 -28.94 -10.82
CA VAL A 449 -33.28 -29.13 -11.87
C VAL A 449 -32.29 -30.22 -11.50
N ILE A 450 -31.91 -30.27 -10.23
CA ILE A 450 -30.98 -31.30 -9.78
C ILE A 450 -31.63 -32.69 -9.77
N GLU A 451 -32.82 -32.77 -9.19
CA GLU A 451 -33.54 -34.02 -9.03
C GLU A 451 -33.97 -34.59 -10.38
N LYS A 452 -34.80 -33.86 -11.10
CA LYS A 452 -35.29 -34.34 -12.40
C LYS A 452 -34.15 -34.41 -13.42
N GLY A 453 -32.99 -33.88 -13.03
CA GLY A 453 -31.83 -33.86 -13.89
C GLY A 453 -32.03 -32.96 -15.09
N GLN A 454 -33.14 -32.24 -15.12
CA GLN A 454 -33.37 -31.42 -16.28
C GLN A 454 -34.06 -30.08 -16.03
N VAL A 455 -33.35 -29.05 -16.44
CA VAL A 455 -33.88 -27.78 -16.90
C VAL A 455 -34.96 -27.98 -17.96
N GLU A 456 -35.44 -26.88 -18.53
CA GLU A 456 -36.63 -26.91 -19.35
C GLU A 456 -36.85 -25.61 -20.14
N ALA A 457 -36.82 -25.71 -21.47
CA ALA A 457 -37.26 -24.63 -22.35
C ALA A 457 -38.50 -25.11 -23.08
N ILE B 11 22.58 42.94 17.23
CA ILE B 11 22.62 41.48 17.23
C ILE B 11 23.95 40.98 16.67
N ILE B 12 24.76 40.32 17.49
CA ILE B 12 25.97 39.64 17.00
C ILE B 12 26.04 38.24 17.62
N PHE B 13 26.18 37.23 16.79
CA PHE B 13 26.15 35.84 17.26
C PHE B 13 27.50 35.38 17.80
N PRO B 14 27.52 34.25 18.53
CA PRO B 14 28.80 33.62 18.86
C PRO B 14 29.71 33.58 17.64
N GLU B 15 31.03 33.66 17.86
CA GLU B 15 31.99 33.69 16.76
C GLU B 15 31.99 32.38 15.97
N ASP B 16 31.74 31.28 16.69
CA ASP B 16 31.75 29.97 16.07
C ASP B 16 30.35 29.35 16.06
N PHE B 17 29.35 30.20 15.89
CA PHE B 17 28.01 29.72 15.55
C PHE B 17 28.11 29.05 14.20
N ILE B 18 27.47 27.89 14.08
CA ILE B 18 27.52 27.13 12.84
C ILE B 18 26.44 27.61 11.89
N TRP B 19 26.80 28.49 10.98
CA TRP B 19 25.88 28.90 9.93
C TRP B 19 26.02 27.90 8.80
N GLY B 20 24.89 27.45 8.26
CA GLY B 20 24.90 26.46 7.20
C GLY B 20 23.70 26.56 6.29
N ALA B 21 23.66 25.65 5.31
CA ALA B 21 22.51 25.44 4.44
C ALA B 21 22.26 23.94 4.31
N ALA B 22 21.05 23.57 3.89
CA ALA B 22 20.65 22.16 3.82
C ALA B 22 20.00 21.78 2.48
N THR B 23 20.21 20.53 2.09
CA THR B 23 19.53 19.89 0.96
C THR B 23 19.15 18.45 1.32
N SER B 24 18.66 17.71 0.33
CA SER B 24 18.25 16.31 0.50
C SER B 24 18.60 15.56 -0.75
N SER B 25 19.13 14.35 -0.57
CA SER B 25 19.54 13.49 -1.70
C SER B 25 18.55 13.43 -2.87
N TYR B 26 17.35 12.94 -2.62
CA TYR B 26 16.40 12.80 -3.72
C TYR B 26 16.09 14.14 -4.38
N GLN B 27 16.15 15.21 -3.60
CA GLN B 27 15.62 16.47 -4.07
C GLN B 27 16.58 17.15 -5.02
N ILE B 28 17.86 16.79 -4.95
CA ILE B 28 18.87 17.48 -5.74
C ILE B 28 19.74 16.59 -6.64
N GLU B 29 20.08 15.40 -6.18
CA GLU B 29 21.08 14.58 -6.87
C GLU B 29 20.78 14.22 -8.35
N GLY B 30 19.57 13.72 -8.61
CA GLY B 30 19.28 13.12 -9.92
C GLY B 30 19.93 11.75 -10.08
N ALA B 31 20.27 11.41 -11.31
CA ALA B 31 20.96 10.14 -11.65
C ALA B 31 20.31 8.95 -10.96
N PHE B 32 18.99 8.85 -11.12
CA PHE B 32 18.15 8.00 -10.30
C PHE B 32 18.36 6.51 -10.53
N ASN B 33 18.84 6.16 -11.72
CA ASN B 33 19.08 4.76 -12.05
C ASN B 33 20.50 4.56 -12.56
N GLU B 34 21.32 5.59 -12.40
CA GLU B 34 22.66 5.62 -12.93
C GLU B 34 23.66 4.97 -11.96
N ASP B 35 24.68 4.33 -12.50
CA ASP B 35 25.77 3.81 -11.67
C ASP B 35 25.38 2.79 -10.59
N GLY B 36 24.42 1.93 -10.89
CA GLY B 36 24.11 0.83 -9.99
C GLY B 36 23.20 1.20 -8.84
N LYS B 37 22.74 2.45 -8.80
CA LYS B 37 21.82 2.88 -7.76
C LYS B 37 20.51 2.13 -7.91
N GLY B 38 19.91 1.75 -6.78
CA GLY B 38 18.64 1.05 -6.78
C GLY B 38 17.45 1.99 -6.73
N GLU B 39 16.28 1.43 -7.09
CA GLU B 39 14.99 2.15 -7.12
C GLU B 39 14.49 2.44 -5.71
N SER B 40 14.06 3.69 -5.51
CA SER B 40 13.48 4.16 -4.25
C SER B 40 11.99 4.44 -4.38
N ILE B 41 11.30 4.51 -3.26
CA ILE B 41 9.86 4.71 -3.30
C ILE B 41 9.56 6.07 -3.87
N TRP B 42 10.56 6.95 -3.85
CA TRP B 42 10.31 8.24 -4.46
C TRP B 42 10.42 8.19 -5.97
N ASP B 43 11.33 7.37 -6.47
CA ASP B 43 11.35 7.05 -7.89
C ASP B 43 9.99 6.51 -8.31
N ARG B 44 9.51 5.50 -7.59
CA ARG B 44 8.17 4.93 -7.79
C ARG B 44 7.04 5.93 -7.77
N PHE B 45 6.87 6.59 -6.62
CA PHE B 45 5.82 7.56 -6.41
C PHE B 45 5.79 8.58 -7.56
N SER B 46 6.98 9.12 -7.87
CA SER B 46 7.20 10.06 -8.96
C SER B 46 6.68 9.58 -10.30
N HIS B 47 7.01 8.33 -10.66
CA HIS B 47 6.55 7.75 -11.91
C HIS B 47 5.14 7.17 -11.81
N THR B 48 4.41 7.55 -10.77
CA THR B 48 3.00 7.19 -10.69
C THR B 48 2.13 8.39 -11.07
N PRO B 49 1.29 8.20 -12.09
CA PRO B 49 0.42 9.31 -12.52
C PRO B 49 -0.44 9.81 -11.37
N GLY B 50 -0.63 11.13 -11.35
CA GLY B 50 -1.47 11.79 -10.36
C GLY B 50 -0.84 12.06 -9.00
N LYS B 51 0.46 11.84 -8.86
CA LYS B 51 1.11 12.03 -7.56
C LYS B 51 1.84 13.36 -7.45
N ILE B 52 2.56 13.76 -8.49
CA ILE B 52 3.33 14.98 -8.39
C ILE B 52 2.74 16.08 -9.28
N GLU B 53 2.78 17.31 -8.79
CA GLU B 53 2.35 18.43 -9.59
C GLU B 53 3.12 18.48 -10.93
N ASN B 54 2.39 18.76 -12.00
CA ASN B 54 2.96 18.88 -13.34
C ASN B 54 3.72 17.64 -13.81
N GLY B 55 3.56 16.55 -13.07
CA GLY B 55 4.18 15.30 -13.46
C GLY B 55 5.69 15.34 -13.35
N ASP B 56 6.19 16.24 -12.51
CA ASP B 56 7.61 16.34 -12.21
C ASP B 56 8.16 15.09 -11.53
N THR B 57 9.43 14.82 -11.76
CA THR B 57 10.11 13.73 -11.06
C THR B 57 11.47 14.19 -10.57
N GLY B 58 12.03 13.41 -9.66
CA GLY B 58 13.40 13.61 -9.24
C GLY B 58 14.39 12.96 -10.19
N ASP B 59 13.92 12.51 -11.35
CA ASP B 59 14.75 11.83 -12.33
C ASP B 59 16.09 12.56 -12.62
N ILE B 60 16.05 13.87 -12.76
CA ILE B 60 17.24 14.68 -12.97
C ILE B 60 17.47 15.70 -11.88
N ALA B 61 16.39 16.32 -11.41
CA ALA B 61 16.49 17.33 -10.36
C ALA B 61 17.53 18.38 -10.74
N CYS B 62 18.47 18.65 -9.83
CA CYS B 62 19.54 19.62 -10.09
C CYS B 62 20.80 18.96 -10.68
N ASP B 63 20.71 17.69 -11.07
CA ASP B 63 21.88 16.95 -11.50
C ASP B 63 23.08 17.10 -10.53
N HIS B 64 22.80 17.17 -9.24
CA HIS B 64 23.85 17.36 -8.25
C HIS B 64 24.89 16.24 -8.26
N TYR B 65 24.45 15.04 -8.58
CA TYR B 65 25.32 13.89 -8.66
C TYR B 65 26.49 14.17 -9.60
N HIS B 66 26.25 15.05 -10.56
CA HIS B 66 27.23 15.34 -11.57
C HIS B 66 27.88 16.69 -11.40
N LEU B 67 27.13 17.62 -10.84
CA LEU B 67 27.62 18.98 -10.65
C LEU B 67 28.10 19.32 -9.23
N TYR B 68 28.26 18.31 -8.38
CA TYR B 68 28.59 18.52 -6.97
C TYR B 68 29.81 19.41 -6.75
N ARG B 69 30.79 19.31 -7.64
CA ARG B 69 32.01 20.12 -7.52
C ARG B 69 31.75 21.63 -7.66
N GLU B 70 30.97 21.98 -8.69
CA GLU B 70 30.47 23.33 -8.89
C GLU B 70 29.69 23.77 -7.67
N ASP B 71 28.97 22.83 -7.08
CA ASP B 71 28.14 23.16 -5.94
C ASP B 71 28.93 23.49 -4.68
N ILE B 72 30.03 22.79 -4.46
CA ILE B 72 30.87 23.06 -3.32
C ILE B 72 31.47 24.45 -3.49
N GLU B 73 31.88 24.75 -4.73
CA GLU B 73 32.46 26.05 -5.04
C GLU B 73 31.47 27.17 -4.76
N LEU B 74 30.21 26.91 -5.10
CA LEU B 74 29.13 27.84 -4.87
C LEU B 74 28.89 28.03 -3.37
N MET B 75 29.11 26.96 -2.61
CA MET B 75 29.02 27.01 -1.17
C MET B 75 30.15 27.89 -0.61
N LYS B 76 31.37 27.55 -1.01
CA LYS B 76 32.57 28.35 -0.73
C LYS B 76 32.25 29.83 -0.91
N GLU B 77 31.66 30.15 -2.07
CA GLU B 77 31.35 31.52 -2.44
C GLU B 77 30.38 32.21 -1.48
N ILE B 78 29.41 31.46 -0.93
CA ILE B 78 28.45 32.02 0.03
C ILE B 78 29.10 32.07 1.41
N GLY B 79 30.11 31.23 1.60
CA GLY B 79 30.87 31.21 2.83
C GLY B 79 30.26 30.45 3.99
N ILE B 80 29.34 29.53 3.69
CA ILE B 80 28.75 28.69 4.74
C ILE B 80 29.81 27.80 5.39
N ARG B 81 29.60 27.50 6.66
CA ARG B 81 30.62 26.80 7.42
C ARG B 81 30.22 25.35 7.64
N SER B 82 28.97 25.04 7.33
CA SER B 82 28.53 23.65 7.37
C SER B 82 27.46 23.42 6.31
N TYR B 83 27.42 22.19 5.81
CA TYR B 83 26.50 21.83 4.75
C TYR B 83 25.76 20.57 5.18
N ARG B 84 24.44 20.69 5.27
CA ARG B 84 23.61 19.55 5.64
C ARG B 84 23.03 18.84 4.42
N PHE B 85 23.52 17.64 4.14
CA PHE B 85 23.00 16.90 3.00
C PHE B 85 22.47 15.51 3.39
N SER B 86 21.73 14.88 2.49
CA SER B 86 21.17 13.57 2.76
C SER B 86 21.91 12.51 1.94
N THR B 87 21.99 11.32 2.51
CA THR B 87 22.75 10.24 1.92
C THR B 87 21.75 9.18 1.46
N SER B 88 21.73 8.88 0.16
CA SER B 88 20.72 7.99 -0.42
C SER B 88 20.98 6.50 -0.22
N TRP B 89 20.29 5.95 0.78
CA TRP B 89 20.33 4.54 1.12
C TRP B 89 20.28 3.61 -0.09
N PRO B 90 19.29 3.79 -1.00
CA PRO B 90 19.21 2.89 -2.16
C PRO B 90 20.42 3.00 -3.09
N ARG B 91 21.05 4.17 -3.12
CA ARG B 91 22.22 4.39 -3.95
C ARG B 91 23.47 3.67 -3.42
N ILE B 92 23.44 3.34 -2.15
CA ILE B 92 24.56 2.76 -1.46
C ILE B 92 24.34 1.27 -1.23
N LEU B 93 23.10 0.94 -0.90
CA LEU B 93 22.66 -0.45 -0.75
C LEU B 93 21.37 -0.59 -1.56
N PRO B 94 21.52 -0.99 -2.82
CA PRO B 94 20.41 -1.08 -3.77
C PRO B 94 19.25 -1.98 -3.34
N GLU B 95 19.51 -2.98 -2.52
CA GLU B 95 18.45 -3.85 -2.06
C GLU B 95 18.01 -3.46 -0.65
N GLY B 96 18.72 -2.50 -0.07
CA GLY B 96 18.45 -2.08 1.29
C GLY B 96 19.33 -2.88 2.23
N LYS B 97 19.64 -4.09 1.79
CA LYS B 97 20.51 -4.99 2.54
C LYS B 97 21.46 -5.61 1.54
N GLY B 98 22.37 -6.44 2.02
CA GLY B 98 23.21 -7.20 1.13
C GLY B 98 24.38 -6.40 0.58
N ARG B 99 24.54 -6.47 -0.75
CA ARG B 99 25.74 -5.99 -1.44
C ARG B 99 25.88 -4.47 -1.49
N VAL B 100 27.06 -3.98 -1.16
CA VAL B 100 27.33 -2.56 -1.24
C VAL B 100 27.70 -2.13 -2.65
N ASN B 101 26.92 -1.21 -3.24
CA ASN B 101 27.24 -0.63 -4.55
C ASN B 101 28.35 0.41 -4.42
N GLN B 102 29.55 0.02 -4.80
CA GLN B 102 30.72 0.82 -4.47
C GLN B 102 30.70 2.24 -5.09
N LYS B 103 30.34 2.33 -6.37
CA LYS B 103 30.34 3.61 -7.07
C LYS B 103 29.48 4.67 -6.39
N GLY B 104 28.44 4.21 -5.70
CA GLY B 104 27.57 5.10 -4.95
C GLY B 104 28.23 5.62 -3.67
N LEU B 105 28.98 4.77 -3.01
CA LEU B 105 29.74 5.22 -1.86
C LEU B 105 30.75 6.24 -2.31
N ASP B 106 31.48 5.90 -3.38
CA ASP B 106 32.56 6.75 -3.86
C ASP B 106 32.07 8.15 -4.08
N PHE B 107 30.85 8.28 -4.58
CA PHE B 107 30.25 9.60 -4.78
C PHE B 107 30.30 10.44 -3.51
N TYR B 108 29.68 9.94 -2.44
CA TYR B 108 29.68 10.65 -1.19
C TYR B 108 31.12 10.83 -0.64
N LYS B 109 31.99 9.86 -0.88
CA LYS B 109 33.37 10.01 -0.44
C LYS B 109 33.98 11.21 -1.15
N ARG B 110 33.72 11.33 -2.44
CA ARG B 110 34.13 12.50 -3.20
C ARG B 110 33.53 13.81 -2.63
N LEU B 111 32.22 13.80 -2.37
CA LEU B 111 31.53 14.99 -1.89
C LEU B 111 32.18 15.45 -0.60
N VAL B 112 32.20 14.53 0.37
CA VAL B 112 32.78 14.80 1.67
C VAL B 112 34.18 15.39 1.48
N ASP B 113 34.94 14.79 0.58
CA ASP B 113 36.32 15.22 0.41
C ASP B 113 36.46 16.64 -0.08
N ASN B 114 35.59 17.06 -0.99
CA ASN B 114 35.57 18.45 -1.41
C ASN B 114 35.11 19.31 -0.28
N LEU B 115 34.13 18.82 0.48
CA LEU B 115 33.58 19.60 1.56
C LEU B 115 34.70 19.93 2.55
N LEU B 116 35.41 18.90 2.99
CA LEU B 116 36.53 19.06 3.93
C LEU B 116 37.60 19.95 3.33
N LYS B 117 38.01 19.63 2.11
CA LYS B 117 39.04 20.44 1.44
C LYS B 117 38.72 21.92 1.33
N ALA B 118 37.45 22.29 1.48
CA ALA B 118 37.00 23.67 1.32
C ALA B 118 36.70 24.24 2.67
N ASN B 119 37.03 23.47 3.70
CA ASN B 119 36.68 23.83 5.07
C ASN B 119 35.18 24.09 5.34
N ILE B 120 34.34 23.22 4.78
CA ILE B 120 32.93 23.15 5.11
C ILE B 120 32.68 21.86 5.91
N ARG B 121 31.81 21.95 6.91
CA ARG B 121 31.66 20.84 7.84
C ARG B 121 30.47 20.01 7.45
N PRO B 122 30.71 18.75 7.14
CA PRO B 122 29.61 17.87 6.73
C PRO B 122 28.73 17.50 7.91
N MET B 123 27.42 17.70 7.76
CA MET B 123 26.42 17.06 8.60
C MET B 123 25.55 16.14 7.74
N ILE B 124 25.68 14.84 7.96
CA ILE B 124 24.97 13.84 7.17
C ILE B 124 23.62 13.38 7.77
N THR B 125 22.55 13.49 6.98
CA THR B 125 21.27 12.94 7.38
C THR B 125 21.12 11.54 6.78
N LEU B 126 20.98 10.55 7.65
CA LEU B 126 21.00 9.15 7.22
C LEU B 126 19.78 8.72 6.42
N TYR B 127 18.59 9.16 6.85
CA TYR B 127 17.36 8.81 6.15
C TYR B 127 16.57 10.06 5.89
N HIS B 128 16.55 10.48 4.63
CA HIS B 128 15.73 11.60 4.21
C HIS B 128 14.68 11.13 3.20
N TRP B 129 14.03 10.02 3.54
CA TRP B 129 12.74 9.63 2.98
C TRP B 129 12.83 8.65 1.86
N ASP B 130 14.00 8.55 1.24
CA ASP B 130 14.13 7.72 0.03
C ASP B 130 14.41 6.24 0.34
N LEU B 131 13.50 5.63 1.08
CA LEU B 131 13.56 4.21 1.36
C LEU B 131 13.73 3.43 0.04
N PRO B 132 14.65 2.44 0.04
CA PRO B 132 14.81 1.50 -1.07
C PRO B 132 13.52 0.74 -1.36
N GLN B 133 13.09 0.84 -2.62
CA GLN B 133 11.82 0.27 -3.05
C GLN B 133 11.73 -1.25 -2.78
N ALA B 134 12.86 -1.90 -2.59
CA ALA B 134 12.87 -3.34 -2.39
C ALA B 134 12.46 -3.69 -0.98
N LEU B 135 12.68 -2.75 -0.06
CA LEU B 135 12.30 -2.96 1.34
C LEU B 135 10.82 -2.63 1.46
N GLN B 136 10.37 -1.70 0.62
CA GLN B 136 8.96 -1.36 0.58
C GLN B 136 8.21 -2.57 0.04
N ASP B 137 8.92 -3.46 -0.63
CA ASP B 137 8.29 -4.62 -1.23
C ASP B 137 8.07 -5.74 -0.21
N LYS B 138 8.90 -5.75 0.83
CA LYS B 138 8.49 -6.34 2.08
C LYS B 138 7.69 -5.21 2.66
N GLY B 139 7.39 -5.24 3.96
CA GLY B 139 6.48 -4.24 4.48
C GLY B 139 6.78 -2.75 4.30
N GLY B 140 7.96 -2.40 3.81
CA GLY B 140 8.46 -1.06 4.05
C GLY B 140 8.60 -0.88 5.55
N TRP B 141 8.20 0.28 6.08
CA TRP B 141 8.40 0.55 7.50
C TRP B 141 7.46 -0.23 8.45
N THR B 142 6.38 -0.81 7.94
CA THR B 142 5.55 -1.62 8.83
C THR B 142 6.22 -2.94 9.16
N ASN B 143 7.31 -3.24 8.44
CA ASN B 143 8.16 -4.39 8.74
C ASN B 143 9.25 -4.00 9.74
N ARG B 144 9.33 -4.73 10.85
CA ARG B 144 10.32 -4.45 11.87
C ARG B 144 11.73 -4.57 11.26
N ASP B 145 11.87 -5.49 10.32
CA ASP B 145 13.17 -5.73 9.68
C ASP B 145 13.78 -4.45 9.14
N THR B 146 12.94 -3.58 8.59
CA THR B 146 13.39 -2.32 8.00
C THR B 146 14.22 -1.51 8.98
N ALA B 147 13.80 -1.50 10.24
CA ALA B 147 14.55 -0.80 11.27
C ALA B 147 15.93 -1.46 11.46
N LYS B 148 15.96 -2.78 11.40
CA LYS B 148 17.20 -3.52 11.55
C LYS B 148 18.17 -3.21 10.40
N TYR B 149 17.64 -3.18 9.18
CA TYR B 149 18.46 -2.90 8.02
C TYR B 149 18.92 -1.44 8.00
N PHE B 150 18.08 -0.54 8.51
CA PHE B 150 18.50 0.83 8.64
C PHE B 150 19.75 0.92 9.48
N ALA B 151 19.73 0.24 10.62
CA ALA B 151 20.85 0.28 11.55
C ALA B 151 22.12 -0.20 10.88
N GLU B 152 22.02 -1.29 10.11
CA GLU B 152 23.18 -1.82 9.44
C GLU B 152 23.72 -0.84 8.41
N TYR B 153 22.84 -0.24 7.64
CA TYR B 153 23.25 0.76 6.67
C TYR B 153 23.85 1.96 7.39
N ALA B 154 23.30 2.29 8.56
CA ALA B 154 23.88 3.31 9.44
C ALA B 154 25.28 2.91 9.91
N ARG B 155 25.44 1.64 10.26
CA ARG B 155 26.75 1.12 10.67
C ARG B 155 27.77 1.31 9.54
N LEU B 156 27.40 0.85 8.36
CA LEU B 156 28.25 0.92 7.17
C LEU B 156 28.85 2.30 7.03
N MET B 157 28.00 3.30 7.15
CA MET B 157 28.38 4.68 6.93
C MET B 157 29.23 5.25 8.05
N PHE B 158 29.02 4.78 9.27
CA PHE B 158 29.84 5.26 10.37
C PHE B 158 31.26 4.77 10.12
N GLU B 159 31.37 3.49 9.79
CA GLU B 159 32.67 2.87 9.56
C GLU B 159 33.40 3.64 8.47
N GLU B 160 32.69 3.94 7.39
CA GLU B 160 33.30 4.54 6.21
C GLU B 160 33.79 5.96 6.42
N PHE B 161 32.99 6.77 7.10
CA PHE B 161 33.34 8.17 7.27
C PHE B 161 33.83 8.48 8.68
N ASN B 162 34.38 7.46 9.33
CA ASN B 162 34.80 7.56 10.71
C ASN B 162 35.53 8.87 11.02
N GLY B 163 36.67 9.07 10.37
CA GLY B 163 37.45 10.26 10.67
C GLY B 163 37.01 11.52 9.96
N LEU B 164 35.98 11.41 9.12
CA LEU B 164 35.67 12.46 8.15
C LEU B 164 34.42 13.23 8.50
N VAL B 165 33.40 12.50 8.96
CA VAL B 165 32.10 13.11 9.21
C VAL B 165 31.79 13.21 10.70
N ASP B 166 31.24 14.36 11.07
CA ASP B 166 31.37 14.90 12.41
C ASP B 166 30.02 14.98 13.10
N LEU B 167 28.99 15.28 12.31
CA LEU B 167 27.65 15.48 12.82
C LEU B 167 26.74 14.54 12.05
N TRP B 168 25.99 13.74 12.79
CA TRP B 168 25.12 12.78 12.17
C TRP B 168 23.66 12.96 12.59
N VAL B 169 22.77 12.84 11.61
CA VAL B 169 21.33 12.89 11.89
C VAL B 169 20.67 11.63 11.36
N THR B 170 20.04 10.89 12.26
CA THR B 170 19.44 9.61 11.86
C THR B 170 18.25 9.82 10.94
N HIS B 171 17.28 10.62 11.37
CA HIS B 171 16.05 10.81 10.59
C HIS B 171 15.67 12.27 10.33
N ASN B 172 15.16 12.54 9.14
CA ASN B 172 14.54 13.83 8.87
C ASN B 172 13.02 13.71 8.91
N GLU B 173 12.41 14.31 9.93
CA GLU B 173 10.95 14.54 9.98
C GLU B 173 10.10 13.28 9.98
N PRO B 174 10.36 12.37 10.92
CA PRO B 174 9.65 11.09 11.02
C PRO B 174 8.15 11.28 10.91
N TRP B 175 7.62 12.30 11.57
CA TRP B 175 6.18 12.58 11.55
C TRP B 175 5.59 12.57 10.14
N VAL B 176 6.18 13.36 9.24
CA VAL B 176 5.62 13.46 7.91
C VAL B 176 5.85 12.17 7.13
N VAL B 177 7.08 11.66 7.20
CA VAL B 177 7.37 10.34 6.64
C VAL B 177 6.18 9.42 6.92
N ALA B 178 5.86 9.28 8.21
CA ALA B 178 4.77 8.43 8.69
C ALA B 178 3.41 8.83 8.13
N PHE B 179 2.91 9.98 8.60
CA PHE B 179 1.58 10.47 8.24
C PHE B 179 1.41 10.92 6.77
N GLU B 180 2.35 11.72 6.27
CA GLU B 180 2.27 12.17 4.89
C GLU B 180 2.41 11.03 3.89
N GLY B 181 3.19 10.03 4.28
CA GLY B 181 3.47 8.92 3.38
C GLY B 181 2.62 7.68 3.57
N HIS B 182 1.98 7.52 4.74
CA HIS B 182 1.14 6.34 4.98
C HIS B 182 -0.23 6.63 5.57
N ALA B 183 -0.57 7.90 5.76
CA ALA B 183 -1.89 8.28 6.27
C ALA B 183 -2.71 9.01 5.19
N PHE B 184 -2.21 10.13 4.72
CA PHE B 184 -2.92 10.88 3.70
C PHE B 184 -2.37 10.57 2.31
N GLY B 185 -1.32 9.74 2.28
CA GLY B 185 -0.80 9.14 1.07
C GLY B 185 -0.51 10.10 -0.07
N ASN B 186 0.07 11.26 0.27
CA ASN B 186 0.61 12.16 -0.74
C ASN B 186 2.11 12.39 -0.61
N HIS B 187 2.78 11.43 0.01
CA HIS B 187 4.22 11.24 -0.11
C HIS B 187 4.42 9.76 -0.33
N ALA B 188 5.58 9.35 -0.84
CA ALA B 188 5.85 7.92 -0.91
C ALA B 188 5.76 7.30 0.48
N PRO B 189 5.26 6.07 0.58
CA PRO B 189 4.93 5.22 -0.57
C PRO B 189 3.48 5.36 -1.00
N GLY B 190 2.84 6.44 -0.59
CA GLY B 190 1.50 6.75 -1.07
C GLY B 190 0.30 6.13 -0.36
N THR B 191 0.54 5.29 0.64
CA THR B 191 -0.56 4.62 1.32
C THR B 191 -1.46 5.57 2.12
N LYS B 192 -2.64 5.08 2.48
CA LYS B 192 -3.63 5.87 3.22
C LYS B 192 -4.33 5.09 4.35
N ASP B 193 -3.61 4.80 5.42
CA ASP B 193 -4.15 3.97 6.50
C ASP B 193 -3.56 4.40 7.82
N PHE B 194 -4.26 5.32 8.48
CA PHE B 194 -3.82 5.87 9.76
C PHE B 194 -3.26 4.83 10.72
N LYS B 195 -3.79 3.62 10.67
CA LYS B 195 -3.27 2.53 11.49
C LYS B 195 -1.82 2.25 11.14
N THR B 196 -1.54 2.07 9.86
CA THR B 196 -0.17 1.75 9.46
C THR B 196 0.78 2.94 9.69
N ALA B 197 0.22 4.14 9.64
CA ALA B 197 1.03 5.31 9.93
C ALA B 197 1.55 5.21 11.36
N LEU B 198 0.70 4.81 12.29
CA LEU B 198 1.11 4.74 13.69
C LEU B 198 2.22 3.73 13.91
N GLN B 199 2.14 2.62 13.18
CA GLN B 199 3.16 1.59 13.23
C GLN B 199 4.46 2.06 12.58
N VAL B 200 4.34 2.73 11.44
CA VAL B 200 5.53 3.23 10.77
C VAL B 200 6.24 4.18 11.71
N ALA B 201 5.48 5.13 12.27
CA ALA B 201 6.01 6.07 13.25
C ALA B 201 6.85 5.34 14.30
N HIS B 202 6.31 4.23 14.82
CA HIS B 202 6.98 3.51 15.91
C HIS B 202 8.27 2.85 15.47
N HIS B 203 8.28 2.33 14.25
CA HIS B 203 9.46 1.68 13.70
C HIS B 203 10.56 2.66 13.28
N LEU B 204 10.17 3.85 12.86
CA LEU B 204 11.17 4.89 12.60
C LEU B 204 11.88 5.20 13.91
N LEU B 205 11.09 5.57 14.92
CA LEU B 205 11.62 5.86 16.23
C LEU B 205 12.56 4.74 16.69
N LEU B 206 12.16 3.51 16.43
CA LEU B 206 12.92 2.34 16.86
C LEU B 206 14.29 2.32 16.20
N SER B 207 14.29 2.25 14.87
CA SER B 207 15.51 2.26 14.07
C SER B 207 16.42 3.43 14.44
N HIS B 208 15.84 4.58 14.77
CA HIS B 208 16.63 5.71 15.26
C HIS B 208 17.54 5.29 16.42
N GLY B 209 16.94 4.71 17.46
CA GLY B 209 17.69 4.29 18.62
C GLY B 209 18.72 3.23 18.33
N MET B 210 18.34 2.26 17.51
CA MET B 210 19.25 1.21 17.12
C MET B 210 20.48 1.85 16.49
N ALA B 211 20.24 2.85 15.64
CA ALA B 211 21.34 3.55 15.00
C ALA B 211 22.24 4.21 16.04
N VAL B 212 21.67 4.99 16.94
CA VAL B 212 22.51 5.67 17.93
C VAL B 212 23.24 4.70 18.84
N ASP B 213 22.69 3.49 19.02
CA ASP B 213 23.42 2.43 19.71
C ASP B 213 24.67 2.03 18.96
N ILE B 214 24.52 1.77 17.66
CA ILE B 214 25.65 1.38 16.83
C ILE B 214 26.70 2.49 16.77
N PHE B 215 26.23 3.73 16.78
CA PHE B 215 27.10 4.88 16.76
C PHE B 215 28.06 4.80 17.93
N ARG B 216 27.52 4.83 19.14
CA ARG B 216 28.31 4.73 20.37
C ARG B 216 29.29 3.56 20.29
N GLU B 217 28.75 2.41 19.90
CA GLU B 217 29.54 1.21 19.81
C GLU B 217 30.76 1.39 18.89
N GLU B 218 30.55 1.98 17.71
CA GLU B 218 31.64 2.20 16.76
C GLU B 218 32.63 3.25 17.24
N ASP B 219 32.16 4.13 18.11
CA ASP B 219 33.02 5.15 18.70
C ASP B 219 33.64 6.08 17.65
N LEU B 220 32.80 6.73 16.86
CA LEU B 220 33.31 7.77 15.96
C LEU B 220 33.41 9.04 16.76
N PRO B 221 34.40 9.85 16.41
CA PRO B 221 34.66 11.17 17.01
C PRO B 221 33.47 12.15 17.17
N GLY B 222 32.49 12.17 16.27
CA GLY B 222 31.46 13.22 16.31
C GLY B 222 30.29 13.17 17.30
N GLU B 223 29.18 13.84 16.94
CA GLU B 223 27.95 13.82 17.73
C GLU B 223 26.75 13.44 16.86
N ILE B 224 25.83 12.67 17.42
CA ILE B 224 24.67 12.20 16.68
C ILE B 224 23.42 12.84 17.24
N GLY B 225 22.38 12.96 16.41
CA GLY B 225 21.12 13.52 16.86
C GLY B 225 20.00 13.10 15.95
N ILE B 226 18.85 13.76 16.07
CA ILE B 226 17.71 13.50 15.20
C ILE B 226 16.99 14.79 14.80
N THR B 227 16.38 14.79 13.61
CA THR B 227 15.67 15.99 13.16
C THR B 227 14.18 15.81 13.17
N LEU B 228 13.52 16.50 14.09
CA LEU B 228 12.05 16.52 14.14
C LEU B 228 11.52 17.80 13.52
N ASN B 229 10.37 17.72 12.88
CA ASN B 229 9.66 18.92 12.52
C ASN B 229 8.69 19.36 13.64
N LEU B 230 8.96 20.52 14.25
CA LEU B 230 8.06 21.08 15.25
C LEU B 230 7.27 22.22 14.67
N THR B 231 5.98 22.25 14.97
CA THR B 231 5.11 23.34 14.57
C THR B 231 4.21 23.65 15.76
N PRO B 232 4.51 24.73 16.49
CA PRO B 232 3.67 25.11 17.63
C PRO B 232 2.20 25.24 17.24
N ALA B 233 1.29 24.92 18.16
CA ALA B 233 -0.14 25.04 17.89
C ALA B 233 -0.80 25.97 18.89
N TYR B 234 -1.75 26.77 18.43
CA TYR B 234 -2.45 27.71 19.31
C TYR B 234 -3.97 27.79 19.03
N PRO B 235 -4.76 27.97 20.10
CA PRO B 235 -6.22 28.10 20.04
C PRO B 235 -6.69 29.35 19.31
N ALA B 236 -7.65 29.17 18.40
CA ALA B 236 -8.26 30.28 17.67
C ALA B 236 -9.14 31.14 18.60
N GLY B 237 -10.25 30.57 19.05
CA GLY B 237 -11.11 31.24 20.01
C GLY B 237 -10.59 31.01 21.40
N ASP B 238 -11.26 31.60 22.39
CA ASP B 238 -10.83 31.44 23.77
C ASP B 238 -11.51 30.24 24.42
N SER B 239 -12.27 29.50 23.62
CA SER B 239 -12.97 28.31 24.08
C SER B 239 -12.03 27.35 24.81
N GLU B 240 -12.55 26.66 25.82
CA GLU B 240 -11.82 25.56 26.46
C GLU B 240 -11.83 24.37 25.48
N ASP B 242 -11.40 24.68 22.50
CA ASP B 242 -10.33 25.00 21.56
C ASP B 242 -8.96 24.65 22.11
N VAL B 243 -8.66 25.13 23.32
CA VAL B 243 -7.41 24.79 23.97
C VAL B 243 -7.21 23.29 23.96
N LYS B 244 -8.16 22.56 24.55
CA LYS B 244 -8.11 21.09 24.54
C LYS B 244 -7.88 20.58 23.11
N ALA B 245 -8.58 21.19 22.15
CA ALA B 245 -8.50 20.78 20.74
C ALA B 245 -7.20 21.15 20.03
N ALA B 246 -6.43 22.08 20.61
CA ALA B 246 -5.12 22.40 20.04
C ALA B 246 -4.02 21.56 20.70
N SER B 247 -4.10 21.39 22.02
CA SER B 247 -3.14 20.54 22.73
C SER B 247 -3.03 19.21 22.00
N LEU B 248 -4.19 18.68 21.58
CA LEU B 248 -4.24 17.45 20.82
C LEU B 248 -3.40 17.53 19.55
N LEU B 249 -3.82 18.34 18.58
CA LEU B 249 -3.01 18.59 17.39
C LEU B 249 -1.51 18.65 17.67
N ASP B 250 -1.15 19.45 18.68
CA ASP B 250 0.25 19.69 19.01
C ASP B 250 0.94 18.39 19.44
N ASP B 251 0.29 17.64 20.32
CA ASP B 251 0.86 16.38 20.79
C ASP B 251 0.96 15.38 19.63
N TYR B 252 0.11 15.60 18.63
CA TYR B 252 -0.05 14.66 17.50
C TYR B 252 1.10 14.75 16.51
N ILE B 253 1.69 15.95 16.45
CA ILE B 253 2.90 16.21 15.69
C ILE B 253 4.14 16.21 16.59
N ASN B 254 4.09 17.00 17.66
CA ASN B 254 5.28 17.31 18.46
C ASN B 254 5.60 16.36 19.62
N ALA B 255 4.74 16.33 20.65
CA ALA B 255 4.97 15.46 21.79
C ALA B 255 5.13 14.01 21.34
N TRP B 256 4.43 13.67 20.27
CA TRP B 256 4.34 12.29 19.79
C TRP B 256 5.69 11.71 19.37
N PHE B 257 6.64 12.58 19.04
CA PHE B 257 8.01 12.16 18.77
C PHE B 257 8.98 12.66 19.84
N LEU B 258 8.76 13.89 20.32
CA LEU B 258 9.58 14.42 21.40
C LEU B 258 9.58 13.53 22.64
N SER B 259 8.38 13.11 23.07
CA SER B 259 8.26 12.33 24.30
C SER B 259 8.99 10.99 24.26
N PRO B 260 8.81 10.22 23.18
CA PRO B 260 9.51 8.94 23.11
C PRO B 260 11.02 9.16 23.08
N VAL B 261 11.46 10.17 22.35
CA VAL B 261 12.89 10.42 22.27
C VAL B 261 13.39 10.78 23.64
N PHE B 262 12.91 11.90 24.17
CA PHE B 262 13.51 12.47 25.37
C PHE B 262 12.97 11.95 26.71
N LYS B 263 11.75 11.44 26.71
CA LYS B 263 11.11 11.00 27.95
C LYS B 263 10.88 9.49 28.01
N GLY B 264 10.99 8.83 26.86
CA GLY B 264 10.90 7.37 26.81
C GLY B 264 9.48 6.84 26.89
N SER B 265 8.52 7.67 26.51
CA SER B 265 7.09 7.29 26.50
C SER B 265 6.34 8.04 25.41
N TYR B 266 5.28 7.45 24.88
CA TYR B 266 4.39 8.21 24.02
C TYR B 266 3.54 9.10 24.93
N PRO B 267 2.95 10.18 24.36
CA PRO B 267 2.05 11.00 25.18
C PRO B 267 0.71 10.31 25.43
N GLU B 268 0.46 9.99 26.69
CA GLU B 268 -0.65 9.11 27.10
C GLU B 268 -2.05 9.49 26.59
N GLU B 269 -2.47 10.74 26.79
CA GLU B 269 -3.79 11.12 26.33
C GLU B 269 -4.01 10.62 24.90
N LEU B 270 -3.16 11.07 23.97
CA LEU B 270 -3.27 10.68 22.57
C LEU B 270 -3.04 9.20 22.39
N HIS B 271 -1.98 8.67 22.99
CA HIS B 271 -1.73 7.23 22.95
C HIS B 271 -3.00 6.44 23.27
N HIS B 272 -3.75 6.92 24.25
CA HIS B 272 -4.98 6.25 24.68
C HIS B 272 -6.14 6.43 23.70
N ILE B 273 -6.30 7.63 23.15
CA ILE B 273 -7.43 7.82 22.23
C ILE B 273 -7.18 7.07 20.93
N TYR B 274 -5.92 6.96 20.53
CA TYR B 274 -5.56 6.17 19.35
C TYR B 274 -6.01 4.74 19.56
N GLU B 275 -5.54 4.15 20.66
CA GLU B 275 -5.78 2.75 20.93
C GLU B 275 -7.27 2.48 21.11
N GLN B 276 -7.99 3.45 21.67
CA GLN B 276 -9.43 3.28 21.82
C GLN B 276 -10.03 3.10 20.43
N ASN B 277 -9.83 4.10 19.58
CA ASN B 277 -10.50 4.13 18.28
C ASN B 277 -9.95 3.16 17.23
N LEU B 278 -8.63 3.15 17.07
CA LEU B 278 -7.96 2.18 16.22
C LEU B 278 -7.46 1.11 17.18
N GLY B 279 -6.71 0.14 16.69
CA GLY B 279 -6.21 -0.87 17.61
C GLY B 279 -4.97 -0.42 18.37
N ALA B 280 -4.20 -1.39 18.85
CA ALA B 280 -2.87 -1.07 19.33
C ALA B 280 -1.92 -1.30 18.17
N PHE B 281 -0.90 -0.45 18.00
CA PHE B 281 0.21 -0.83 17.13
C PHE B 281 1.18 -1.76 17.87
N THR B 282 1.74 -2.74 17.17
CA THR B 282 2.59 -3.70 17.85
C THR B 282 3.93 -3.11 18.32
N THR B 283 4.05 -3.03 19.64
CA THR B 283 5.27 -2.65 20.33
C THR B 283 6.04 -3.93 20.58
N GLN B 284 7.04 -3.88 21.46
CA GLN B 284 7.84 -5.06 21.78
C GLN B 284 8.74 -4.69 22.94
N PRO B 285 8.50 -5.30 24.10
CA PRO B 285 9.07 -4.88 25.39
C PRO B 285 10.50 -4.41 25.27
N GLY B 286 10.79 -3.22 25.80
CA GLY B 286 12.15 -2.74 25.77
C GLY B 286 12.43 -1.89 24.55
N ASP B 287 11.41 -1.71 23.70
CA ASP B 287 11.49 -0.80 22.56
C ASP B 287 11.66 0.64 23.01
N MET B 288 10.81 1.10 23.94
CA MET B 288 10.87 2.47 24.42
C MET B 288 12.24 2.83 25.03
N ASP B 289 13.01 1.80 25.39
CA ASP B 289 14.36 1.99 25.90
C ASP B 289 15.36 2.26 24.79
N ILE B 290 15.22 1.52 23.68
CA ILE B 290 16.02 1.78 22.48
C ILE B 290 15.73 3.17 21.94
N ILE B 291 14.44 3.51 21.89
CA ILE B 291 14.02 4.79 21.32
C ILE B 291 14.67 5.98 22.03
N SER B 292 14.81 5.86 23.34
CA SER B 292 15.26 7.00 24.12
C SER B 292 16.70 6.91 24.56
N ARG B 293 17.53 6.19 23.83
CA ARG B 293 18.97 6.23 24.11
C ARG B 293 19.39 7.69 24.15
N ASP B 294 20.43 7.93 24.91
CA ASP B 294 20.96 9.26 25.04
C ASP B 294 21.51 9.72 23.68
N ILE B 295 21.08 10.91 23.24
CA ILE B 295 21.67 11.55 22.06
C ILE B 295 22.35 12.89 22.40
N ASP B 296 23.11 13.43 21.44
CA ASP B 296 24.03 14.54 21.69
C ASP B 296 23.48 15.93 21.33
N PHE B 297 22.46 15.94 20.48
CA PHE B 297 21.80 17.18 20.06
C PHE B 297 20.47 16.85 19.39
N LEU B 298 19.56 17.84 19.38
CA LEU B 298 18.28 17.70 18.68
C LEU B 298 18.32 18.66 17.52
N GLY B 299 17.74 18.25 16.39
CA GLY B 299 17.69 19.07 15.19
C GLY B 299 16.27 19.46 14.86
N ILE B 300 16.03 20.75 14.68
CA ILE B 300 14.66 21.22 14.55
C ILE B 300 14.37 21.89 13.23
N ASN B 301 13.28 21.48 12.59
CA ASN B 301 12.79 22.11 11.36
C ASN B 301 11.54 22.95 11.65
N TYR B 302 11.61 24.26 11.38
CA TYR B 302 10.50 25.17 11.64
C TYR B 302 10.13 26.01 10.42
N TYR B 303 8.83 26.16 10.16
CA TYR B 303 8.37 26.96 9.03
C TYR B 303 7.20 27.86 9.40
N SER B 304 6.43 27.44 10.39
CA SER B 304 5.20 28.16 10.75
C SER B 304 4.57 27.62 12.04
N ARG B 305 3.59 28.37 12.55
CA ARG B 305 2.71 27.90 13.62
C ARG B 305 1.33 27.59 13.06
N MET B 306 0.56 26.77 13.79
CA MET B 306 -0.81 26.48 13.37
C MET B 306 -1.86 26.97 14.37
N VAL B 307 -2.92 27.56 13.83
CA VAL B 307 -4.07 27.98 14.62
C VAL B 307 -5.17 26.92 14.54
N VAL B 308 -5.56 26.42 15.71
CA VAL B 308 -6.54 25.33 15.79
C VAL B 308 -7.85 25.76 16.44
N ARG B 309 -8.93 25.42 15.75
CA ARG B 309 -10.28 25.73 16.18
C ARG B 309 -11.06 24.43 16.31
N HIS B 310 -11.72 24.24 17.45
CA HIS B 310 -12.56 23.06 17.63
C HIS B 310 -13.77 23.13 16.68
N LYS B 311 -14.07 22.00 16.04
CA LYS B 311 -15.13 21.98 15.01
C LYS B 311 -15.35 20.58 14.40
N PRO B 312 -16.23 19.78 15.03
CA PRO B 312 -16.55 18.43 14.56
C PRO B 312 -17.14 18.43 13.15
N ASN B 315 -12.36 14.24 11.59
CA ASN B 315 -11.36 13.59 12.45
C ASN B 315 -11.78 13.55 13.92
N LEU B 316 -10.89 13.05 14.76
CA LEU B 316 -11.22 12.73 16.15
C LEU B 316 -10.38 13.52 17.16
N PHE B 317 -10.46 14.85 17.09
CA PHE B 317 -9.66 15.69 17.98
C PHE B 317 -10.46 16.77 18.75
N ASN B 318 -11.61 17.19 18.26
CA ASN B 318 -12.04 16.95 16.89
C ASN B 318 -11.84 18.29 16.22
N ALA B 319 -10.62 18.54 15.74
CA ALA B 319 -10.18 19.89 15.39
C ALA B 319 -10.07 20.18 13.90
N GLU B 320 -9.93 21.47 13.59
CA GLU B 320 -9.55 21.89 12.24
C GLU B 320 -8.54 23.04 12.33
N VAL B 321 -7.80 23.24 11.25
CA VAL B 321 -6.77 24.25 11.21
C VAL B 321 -7.27 25.48 10.46
N VAL B 322 -7.14 26.64 11.09
CA VAL B 322 -7.69 27.87 10.50
C VAL B 322 -6.75 28.57 9.54
N LYS B 323 -7.17 28.71 8.28
CA LYS B 323 -6.44 29.54 7.33
C LYS B 323 -6.48 30.98 7.82
N MET B 324 -5.32 31.62 7.87
CA MET B 324 -5.24 32.98 8.36
C MET B 324 -5.27 33.96 7.20
N GLU B 325 -5.33 35.25 7.51
CA GLU B 325 -5.16 36.29 6.49
C GLU B 325 -5.11 37.68 7.10
N ARG B 327 -2.22 37.97 8.43
CA ARG B 327 -0.80 37.67 8.28
C ARG B 327 -0.43 37.48 6.80
N PRO B 328 0.85 37.74 6.47
CA PRO B 328 1.39 37.42 5.14
C PRO B 328 1.95 35.99 5.13
N SER B 329 2.01 35.38 3.94
CA SER B 329 2.36 33.98 3.84
C SER B 329 3.28 33.66 2.67
N THR B 330 3.90 32.49 2.72
CA THR B 330 4.81 32.04 1.67
C THR B 330 4.05 31.38 0.52
N GLU B 331 4.78 31.08 -0.55
CA GLU B 331 4.21 30.50 -1.76
C GLU B 331 3.61 29.11 -1.53
N MET B 332 3.98 28.51 -0.41
CA MET B 332 3.43 27.23 0.01
C MET B 332 2.09 27.47 0.71
N GLY B 333 1.84 28.74 1.07
CA GLY B 333 0.67 29.11 1.83
C GLY B 333 0.98 29.09 3.32
N TRP B 334 2.27 29.03 3.66
CA TRP B 334 2.66 28.91 5.06
C TRP B 334 2.71 30.30 5.70
N GLU B 335 1.90 30.47 6.73
CA GLU B 335 1.83 31.72 7.46
C GLU B 335 3.21 32.07 8.01
N ILE B 336 3.76 33.19 7.54
CA ILE B 336 4.99 33.73 8.09
C ILE B 336 4.70 34.27 9.49
N TYR B 337 5.35 33.69 10.50
CA TYR B 337 5.15 34.17 11.86
C TYR B 337 6.36 33.83 12.74
N PRO B 338 7.43 34.61 12.61
CA PRO B 338 8.78 34.42 13.18
C PRO B 338 8.90 34.21 14.69
N GLN B 339 7.99 34.78 15.49
CA GLN B 339 8.19 34.64 16.94
C GLN B 339 7.88 33.22 17.39
N GLY B 340 6.93 32.56 16.72
CA GLY B 340 6.60 31.17 17.01
C GLY B 340 7.87 30.32 17.14
N LEU B 341 8.91 30.70 16.39
CA LEU B 341 10.21 30.01 16.42
C LEU B 341 10.93 30.24 17.76
N TYR B 342 10.76 31.42 18.33
CA TYR B 342 11.29 31.69 19.64
C TYR B 342 10.62 30.74 20.62
N ASP B 343 9.32 30.93 20.78
CA ASP B 343 8.49 30.08 21.63
C ASP B 343 8.96 28.62 21.63
N ILE B 344 8.90 28.01 20.46
CA ILE B 344 9.17 26.58 20.33
C ILE B 344 10.57 26.16 20.77
N LEU B 345 11.57 27.01 20.52
CA LEU B 345 12.95 26.70 20.92
C LEU B 345 13.09 26.70 22.44
N VAL B 346 12.54 27.72 23.08
CA VAL B 346 12.62 27.82 24.53
C VAL B 346 11.77 26.76 25.19
N ARG B 347 10.81 26.23 24.41
CA ARG B 347 9.89 25.22 24.92
C ARG B 347 10.51 23.81 24.94
N VAL B 348 11.16 23.45 23.84
CA VAL B 348 11.86 22.18 23.79
C VAL B 348 12.86 22.15 24.94
N ASN B 349 13.47 23.30 25.18
CA ASN B 349 14.49 23.43 26.21
C ASN B 349 13.90 23.28 27.62
N LYS B 350 12.68 23.78 27.80
CA LYS B 350 12.02 23.75 29.10
C LYS B 350 11.48 22.36 29.44
N GLU B 351 10.84 21.72 28.47
CA GLU B 351 10.04 20.53 28.75
C GLU B 351 10.65 19.20 28.32
N TYR B 352 11.70 19.24 27.50
CA TYR B 352 12.22 18.01 26.91
C TYR B 352 13.71 17.71 27.08
N THR B 353 14.58 18.69 26.85
CA THR B 353 16.01 18.39 26.87
C THR B 353 16.96 19.58 27.09
N ASP B 354 18.15 19.26 27.63
CA ASP B 354 19.20 20.24 27.92
C ASP B 354 20.23 20.20 26.83
N LYS B 355 20.13 19.16 26.00
CA LYS B 355 21.08 18.95 24.93
C LYS B 355 21.09 20.11 23.93
N PRO B 356 22.24 20.35 23.27
CA PRO B 356 22.34 21.46 22.31
C PRO B 356 21.29 21.38 21.20
N LEU B 357 20.90 22.53 20.69
CA LEU B 357 19.89 22.61 19.64
C LEU B 357 20.41 23.17 18.31
N TYR B 358 19.93 22.58 17.22
CA TYR B 358 20.26 23.05 15.89
C TYR B 358 18.97 23.28 15.13
N ILE B 359 18.82 24.46 14.55
CA ILE B 359 17.80 24.65 13.53
C ILE B 359 18.41 24.02 12.30
N THR B 360 17.88 22.85 11.94
CA THR B 360 18.39 22.10 10.80
C THR B 360 17.65 22.45 9.51
N GLU B 361 16.59 23.24 9.65
CA GLU B 361 15.79 23.66 8.51
C GLU B 361 14.95 24.89 8.84
N ASN B 362 15.20 25.98 8.15
CA ASN B 362 14.24 27.08 8.08
C ASN B 362 14.41 27.87 6.80
N GLY B 363 13.30 28.32 6.24
CA GLY B 363 13.35 29.03 5.00
C GLY B 363 11.97 29.20 4.43
N ALA B 364 11.90 29.80 3.24
CA ALA B 364 10.62 30.05 2.60
C ALA B 364 10.75 30.14 1.09
N ALA B 365 9.66 29.76 0.42
CA ALA B 365 9.58 29.82 -1.03
C ALA B 365 8.83 31.07 -1.48
N PHE B 366 9.48 31.86 -2.33
CA PHE B 366 8.78 32.97 -2.91
C PHE B 366 8.80 32.79 -4.41
N ASP B 367 8.05 33.64 -5.09
CA ASP B 367 7.87 33.54 -6.53
C ASP B 367 9.02 34.22 -7.26
N ASP B 368 10.17 33.56 -7.31
CA ASP B 368 11.39 34.19 -7.79
C ASP B 368 11.38 34.46 -9.29
N LYS B 369 11.93 35.61 -9.67
CA LYS B 369 12.06 35.93 -11.09
C LYS B 369 13.54 36.17 -11.42
N LEU B 370 14.01 35.45 -12.43
CA LEU B 370 15.40 35.51 -12.82
C LEU B 370 15.57 36.66 -13.81
N THR B 371 16.40 37.63 -13.45
CA THR B 371 16.62 38.81 -14.28
C THR B 371 17.45 38.45 -15.51
N GLU B 372 17.33 39.27 -16.55
CA GLU B 372 18.03 39.00 -17.82
C GLU B 372 19.55 38.89 -17.61
N GLU B 373 20.07 39.62 -16.64
CA GLU B 373 21.50 39.56 -16.35
C GLU B 373 21.81 38.60 -15.20
N GLY B 374 20.97 37.59 -15.03
CA GLY B 374 21.23 36.55 -14.04
C GLY B 374 21.20 36.98 -12.58
N LYS B 375 20.49 38.07 -12.29
CA LYS B 375 20.28 38.51 -10.92
C LYS B 375 18.88 38.14 -10.44
N ILE B 376 18.76 37.85 -9.15
CA ILE B 376 17.46 37.50 -8.60
C ILE B 376 17.23 38.21 -7.24
N HIS B 377 16.58 39.35 -7.30
CA HIS B 377 16.50 40.23 -6.13
C HIS B 377 15.39 39.75 -5.22
N ASP B 378 15.68 38.75 -4.41
CA ASP B 378 14.66 38.10 -3.58
C ASP B 378 14.48 38.75 -2.19
N GLU B 379 13.98 39.98 -2.20
CA GLU B 379 13.82 40.75 -0.97
C GLU B 379 13.04 40.01 0.11
N LYS B 380 11.87 39.49 -0.26
CA LYS B 380 10.98 38.85 0.69
C LYS B 380 11.71 37.76 1.45
N ARG B 381 12.50 36.96 0.73
CA ARG B 381 13.26 35.89 1.36
C ARG B 381 14.24 36.47 2.35
N ILE B 382 14.90 37.57 1.96
CA ILE B 382 15.87 38.25 2.81
C ILE B 382 15.25 38.62 4.14
N ASN B 383 14.06 39.19 4.08
CA ASN B 383 13.34 39.62 5.26
C ASN B 383 12.92 38.42 6.12
N TYR B 384 12.29 37.44 5.48
CA TYR B 384 11.90 36.24 6.18
C TYR B 384 13.08 35.66 6.97
N LEU B 385 14.20 35.43 6.30
CA LEU B 385 15.37 34.89 6.98
C LEU B 385 15.78 35.76 8.16
N GLY B 386 15.93 37.05 7.91
CA GLY B 386 16.32 37.98 8.96
C GLY B 386 15.42 37.87 10.17
N ASP B 387 14.11 37.90 9.92
CA ASP B 387 13.14 37.83 11.01
C ASP B 387 13.35 36.63 11.91
N HIS B 388 13.44 35.44 11.31
CA HIS B 388 13.64 34.21 12.07
C HIS B 388 15.04 34.17 12.65
N PHE B 389 16.00 34.77 11.95
CA PHE B 389 17.37 34.83 12.41
C PHE B 389 17.45 35.57 13.75
N LYS B 390 16.66 36.63 13.86
CA LYS B 390 16.67 37.49 15.05
C LYS B 390 15.96 36.82 16.22
N GLN B 391 14.98 35.98 15.89
CA GLN B 391 14.25 35.24 16.90
C GLN B 391 15.14 34.17 17.52
N ALA B 392 15.96 33.53 16.70
CA ALA B 392 16.86 32.52 17.21
C ALA B 392 17.82 33.20 18.14
N TYR B 393 18.26 34.40 17.75
CA TYR B 393 19.23 35.15 18.54
C TYR B 393 18.70 35.35 19.94
N LYS B 394 17.40 35.67 19.99
CA LYS B 394 16.71 35.90 21.24
C LYS B 394 16.66 34.62 22.09
N ALA B 395 16.24 33.51 21.51
CA ALA B 395 16.29 32.21 22.21
C ALA B 395 17.68 31.97 22.77
N LEU B 396 18.68 32.36 21.98
CA LEU B 396 20.07 32.22 22.37
C LEU B 396 20.28 33.14 23.55
N LYS B 397 19.74 34.35 23.44
CA LYS B 397 19.92 35.41 24.43
C LYS B 397 19.32 35.04 25.79
N ASP B 398 18.34 34.15 25.78
CA ASP B 398 17.82 33.58 27.02
C ASP B 398 18.48 32.23 27.20
N GLY B 399 17.79 31.28 27.81
CA GLY B 399 18.39 29.97 28.08
C GLY B 399 19.08 29.16 26.97
N VAL B 400 18.41 29.01 25.83
CA VAL B 400 18.64 27.91 24.89
C VAL B 400 20.03 27.76 24.27
N PRO B 401 20.55 26.53 24.29
CA PRO B 401 21.87 26.17 23.74
C PRO B 401 21.86 25.96 22.21
N LEU B 402 21.31 26.91 21.48
CA LEU B 402 21.34 26.88 20.02
C LEU B 402 22.77 26.92 19.47
N ARG B 403 23.12 25.91 18.69
CA ARG B 403 24.47 25.78 18.14
C ARG B 403 24.64 26.11 16.65
N GLY B 404 23.55 26.10 15.91
CA GLY B 404 23.62 26.35 14.48
C GLY B 404 22.27 26.52 13.81
N TYR B 405 22.32 26.89 12.54
CA TYR B 405 21.12 27.26 11.80
C TYR B 405 21.41 26.92 10.36
N TYR B 406 20.67 25.96 9.81
CA TYR B 406 20.83 25.58 8.41
C TYR B 406 19.67 26.11 7.57
N VAL B 407 19.97 26.99 6.63
CA VAL B 407 18.92 27.52 5.75
C VAL B 407 18.42 26.50 4.74
N TRP B 408 17.11 26.27 4.71
CA TRP B 408 16.51 25.53 3.61
C TRP B 408 16.17 26.49 2.49
N SER B 409 16.75 26.32 1.30
CA SER B 409 17.72 25.27 0.98
C SER B 409 18.96 25.91 0.38
N LEU B 410 19.99 25.13 0.10
CA LEU B 410 21.16 25.66 -0.59
C LEU B 410 20.75 26.14 -1.99
N MET B 411 19.95 25.32 -2.67
CA MET B 411 19.51 25.63 -4.03
C MET B 411 18.06 25.20 -4.21
N ASP B 412 17.39 25.81 -5.18
CA ASP B 412 16.06 25.36 -5.56
C ASP B 412 16.13 23.88 -5.91
N ASN B 413 15.02 23.18 -5.71
CA ASN B 413 15.02 21.75 -5.92
C ASN B 413 13.62 21.17 -6.00
N PHE B 414 13.51 19.85 -5.92
CA PHE B 414 12.24 19.17 -6.06
C PHE B 414 11.42 19.21 -4.74
N GLU B 415 10.42 20.08 -4.69
CA GLU B 415 9.58 20.20 -3.51
C GLU B 415 8.49 19.13 -3.45
N TRP B 416 8.96 17.88 -3.33
CA TRP B 416 8.13 16.68 -3.21
C TRP B 416 6.87 16.71 -4.10
N ALA B 417 5.68 16.68 -3.52
CA ALA B 417 4.46 16.67 -4.34
C ALA B 417 4.28 17.91 -5.21
N TYR B 418 4.88 19.03 -4.81
CA TYR B 418 4.77 20.28 -5.58
C TYR B 418 5.74 20.32 -6.78
N GLY B 419 6.79 19.53 -6.73
CA GLY B 419 7.75 19.48 -7.81
C GLY B 419 8.56 20.76 -7.81
N TYR B 420 8.94 21.24 -9.00
CA TYR B 420 9.84 22.40 -9.09
C TYR B 420 9.09 23.73 -9.05
N SER B 421 7.77 23.65 -8.92
CA SER B 421 6.95 24.86 -8.82
C SER B 421 7.32 25.78 -7.64
N LYS B 422 7.97 25.23 -6.62
CA LYS B 422 8.32 26.03 -5.47
C LYS B 422 9.83 26.11 -5.26
N ARG B 423 10.36 27.34 -5.21
CA ARG B 423 11.80 27.56 -5.06
C ARG B 423 12.19 28.04 -3.66
N PHE B 424 12.95 27.22 -2.95
CA PHE B 424 13.35 27.52 -1.59
C PHE B 424 14.84 27.95 -1.49
N GLY B 425 15.51 28.11 -2.62
CA GLY B 425 16.97 28.21 -2.63
C GLY B 425 17.62 29.52 -2.20
N LEU B 426 18.91 29.44 -1.92
CA LEU B 426 19.72 30.63 -1.81
C LEU B 426 20.30 30.81 -3.21
N ILE B 427 20.37 29.69 -3.91
CA ILE B 427 20.80 29.64 -5.29
C ILE B 427 19.64 29.28 -6.19
N TYR B 428 19.42 30.09 -7.21
CA TYR B 428 18.36 29.84 -8.19
C TYR B 428 18.85 28.83 -9.23
N VAL B 429 18.04 27.80 -9.49
CA VAL B 429 18.43 26.75 -10.43
C VAL B 429 17.57 26.76 -11.71
N ASP B 430 18.22 27.05 -12.83
CA ASP B 430 17.55 27.18 -14.12
C ASP B 430 17.53 25.82 -14.84
N TYR B 431 16.71 24.90 -14.34
CA TYR B 431 16.76 23.52 -14.84
C TYR B 431 16.76 23.45 -16.37
N GLU B 432 15.75 24.06 -16.99
CA GLU B 432 15.51 23.92 -18.43
C GLU B 432 16.71 24.31 -19.29
N ASN B 433 17.66 25.03 -18.70
CA ASN B 433 18.85 25.43 -19.44
C ASN B 433 20.08 24.60 -19.15
N GLY B 434 21.17 25.22 -18.70
CA GLY B 434 22.34 24.43 -18.37
C GLY B 434 22.18 23.64 -17.07
N ASN B 435 21.01 23.75 -16.46
CA ASN B 435 20.82 23.35 -15.08
C ASN B 435 21.77 24.25 -14.30
N ARG B 436 22.02 25.43 -14.88
CA ARG B 436 23.03 26.34 -14.34
C ARG B 436 22.52 27.10 -13.12
N ARG B 437 23.45 27.49 -12.26
CA ARG B 437 23.13 28.05 -10.95
C ARG B 437 23.40 29.54 -10.86
N PHE B 438 22.41 30.28 -10.38
CA PHE B 438 22.56 31.71 -10.09
C PHE B 438 22.44 31.97 -8.58
N LEU B 439 23.43 32.65 -7.98
CA LEU B 439 23.29 33.12 -6.60
C LEU B 439 22.18 34.15 -6.54
N LYS B 440 21.23 33.96 -5.62
CA LYS B 440 20.19 34.98 -5.40
C LYS B 440 20.77 36.11 -4.55
N ASP B 441 20.02 37.19 -4.38
CA ASP B 441 20.45 38.26 -3.47
C ASP B 441 20.58 37.72 -2.05
N SER B 442 19.67 36.83 -1.68
CA SER B 442 19.63 36.32 -0.31
C SER B 442 20.93 35.60 0.01
N ALA B 443 21.43 34.83 -0.96
CA ALA B 443 22.70 34.12 -0.78
C ALA B 443 23.80 35.13 -0.40
N LEU B 444 23.84 36.23 -1.13
CA LEU B 444 24.89 37.25 -0.98
C LEU B 444 24.73 38.02 0.32
N TRP B 445 23.49 38.34 0.63
CA TRP B 445 23.15 38.92 1.93
C TRP B 445 23.58 38.00 3.06
N TYR B 446 23.43 36.70 2.84
CA TYR B 446 23.71 35.72 3.86
C TYR B 446 25.20 35.63 4.08
N ARG B 447 25.96 35.83 3.00
CA ARG B 447 27.40 35.74 3.09
C ARG B 447 27.85 36.78 4.10
N GLU B 448 27.15 37.91 4.12
CA GLU B 448 27.49 39.03 4.99
C GLU B 448 27.11 38.77 6.44
N VAL B 449 25.91 38.24 6.66
CA VAL B 449 25.51 37.81 8.00
C VAL B 449 26.52 36.84 8.62
N ILE B 450 27.06 35.93 7.81
CA ILE B 450 28.05 34.98 8.30
C ILE B 450 29.36 35.67 8.64
N GLU B 451 29.86 36.45 7.68
CA GLU B 451 31.15 37.14 7.80
C GLU B 451 31.16 38.18 8.92
N LYS B 452 30.32 39.21 8.79
CA LYS B 452 30.23 40.25 9.82
C LYS B 452 29.69 39.68 11.14
N GLY B 453 29.22 38.43 11.13
CA GLY B 453 28.66 37.79 12.30
C GLY B 453 27.36 38.48 12.68
N GLN B 454 26.87 39.22 11.68
CA GLN B 454 25.93 40.33 11.75
C GLN B 454 24.45 40.10 12.17
N VAL B 455 23.59 39.97 11.16
CA VAL B 455 22.22 40.50 11.09
C VAL B 455 22.10 41.96 11.55
#